data_3AV4
#
_entry.id   3AV4
#
_cell.length_a   135.780
_cell.length_b   97.865
_cell.length_c   130.636
_cell.angle_alpha   90.00
_cell.angle_beta   90.00
_cell.angle_gamma   90.00
#
_symmetry.space_group_name_H-M   'P 21 21 2'
#
loop_
_entity.id
_entity.type
_entity.pdbx_description
1 polymer 'DNA (cytosine-5)-methyltransferase 1'
2 non-polymer 'ZINC ION'
3 water water
#
_entity_poly.entity_id   1
_entity_poly.type   'polypeptide(L)'
_entity_poly.pdbx_seq_one_letter_code
;AAKRRPKEAEPEQVAPETPEDRDEDEREEKRRKTTRKKLESHTVPVQSRSERKAAQSKSVIPKINSPKCPECGQHLDDPN
LKYQQHPEDAVDEPQMLTSEKLSIYDSTSTWFDTYEDSPMHRFTSFSVYCSRGHLCPVDTGLIEKNVELYFSGCAKAIHD
ENPSMEGGINGKNLGPINQWWLSGFDGGEKVLIGFSTAFAEYILMEPSKEYEPIFGLMQEKIYISKIVVEFLQNNPDAVY
EDLINKIETTVPPSTINVNRFTEDSLLRHAQFVVSQVESYDEAKDDDETPIFLSPCMRALIHLAGVSLGQRRATRRVMGA
TKEKDKAPTKATTTKLVYQIFDTFFSEQIEKYDKEDKENAMKRRRCGVCEVCQQPECGKCKACKDMVKFGGTGRSKQACL
KRRCPNLAVKEADDDEEADDDVSEMPSPKKLHQGKKKKQNKDRISWLGQPMKIEENRTYYQKVSIDEEMLEVGDCVSVIP
DDSSKPLYLARVTALWEDKNGQMMFHAHWFCAGTDTVLGATSDPLELFLVGECENMQLSYIHSKVKVIYKAPSENWAMEG
GTDPETTLPGAEDGKTYFFQLWYNQEYARFESPPKTQPTEDNKHKFCLSCIRLAELRQKEMPKVLEQIEEVDGRVYCSSI
TKNGVVYRLGDSVYLPPEAFTFNIKVASPVKRPKKDPVNETLYPEHYRKYSDYIKGSNLDAPEPYRIGRIKEIHCGKKKG
KVNEADIKLRLYKFYRPENTHRSYNGSYHTDINMLYWSDEEAVVNFSDVQGRCTVEYGEDLLESIQDYSQGGPDRFYFLE
AYNSKTKNFEDPPNHARSPGNKGKGKGKGKGKGKHQVSEPKEPEAAIKLPKLRTLDVFSGCGGLSEGFHQAGISETLWAI
EMWDPAAQAFRLNNPGTTVFTEDCNVLLKLVMAGEVTNSLGQRLPQKGDVEMLCGGPPCQGFSGMNRFNSRTYSKFKNSL
VVSFLSYCDYYRPRFFLLENVRNFVSYRRSMVLKLTLRCLVRMGYQCTFGVLQAGQYGVAQTRRRAIILAAAPGEKLPLF
PEPLHVFAPRACQLSVVVDDKKFVSNITRLSSGPFRTITVRDTMSDLPEIQNGASNSEIPYNGEPLSWFQRQLRGSHYQP
ILRDHICKDMSPLVAARMRHIPLFPGSDWRDLPNIQVRLGDGVIAHKLQYTFHDVKNGYSSTGALRGVCSCAEGKACDPE
SRQFSTLIPWCLPHTGNRHNHWAGLYGRLEWDGFFSTTVTNPEPMGKQGRVLHPEQHRVVSVRECARSQGFPDSYRFFGN
ILDRHRQVGNAVPPPLAKAIGLEIKLCLLSSARESASAAVKAKEEAATKD
;
_entity_poly.pdbx_strand_id   A
#
loop_
_chem_comp.id
_chem_comp.type
_chem_comp.name
_chem_comp.formula
ZN non-polymer 'ZINC ION' 'Zn 2'
#
# COMPACT_ATOMS: atom_id res chain seq x y z
N PRO A 67 -5.19 -44.22 36.21
CA PRO A 67 -3.74 -44.25 36.45
C PRO A 67 -3.01 -42.98 36.01
N LYS A 68 -3.06 -41.92 36.86
CA LYS A 68 -2.42 -40.59 36.69
C LYS A 68 -1.60 -40.21 37.96
N CYS A 69 -0.50 -39.43 37.81
CA CYS A 69 0.33 -39.05 38.96
C CYS A 69 -0.31 -37.92 39.76
N PRO A 70 -0.46 -38.07 41.09
CA PRO A 70 -1.07 -37.01 41.89
C PRO A 70 -0.22 -35.74 42.06
N GLU A 71 1.07 -35.81 41.64
CA GLU A 71 2.01 -34.70 41.74
C GLU A 71 2.30 -34.04 40.36
N CYS A 72 2.61 -34.83 39.32
CA CYS A 72 2.97 -34.32 38.00
C CYS A 72 1.90 -34.54 36.94
N GLY A 73 0.87 -35.31 37.26
CA GLY A 73 -0.23 -35.58 36.36
C GLY A 73 -0.05 -36.67 35.31
N GLN A 74 1.20 -36.95 34.92
CA GLN A 74 1.51 -37.94 33.89
C GLN A 74 0.70 -39.27 34.01
N HIS A 75 0.20 -39.79 32.88
CA HIS A 75 -0.56 -41.05 32.82
C HIS A 75 0.39 -42.24 32.96
N LEU A 76 0.13 -43.15 33.90
CA LEU A 76 0.97 -44.33 34.15
C LEU A 76 1.03 -45.29 32.95
N ASP A 77 -0.04 -45.30 32.13
CA ASP A 77 -0.16 -46.16 30.95
C ASP A 77 0.63 -45.60 29.75
N ASP A 78 1.17 -44.34 29.87
CA ASP A 78 1.97 -43.71 28.84
C ASP A 78 3.22 -44.53 28.65
N PRO A 79 3.46 -45.08 27.45
CA PRO A 79 4.65 -45.92 27.25
C PRO A 79 5.98 -45.15 27.26
N ASN A 80 5.93 -43.82 27.13
CA ASN A 80 7.15 -43.01 27.15
C ASN A 80 7.54 -42.61 28.58
N LEU A 81 6.70 -42.96 29.58
CA LEU A 81 6.96 -42.66 30.99
C LEU A 81 8.18 -43.45 31.49
N LYS A 82 9.06 -42.77 32.27
CA LYS A 82 10.26 -43.37 32.84
C LYS A 82 10.44 -42.94 34.32
N TYR A 83 11.04 -43.82 35.15
CA TYR A 83 11.36 -43.56 36.56
C TYR A 83 12.85 -43.23 36.76
N GLN A 84 13.13 -42.38 37.76
CA GLN A 84 14.46 -41.93 38.13
C GLN A 84 15.35 -43.06 38.71
N GLN A 85 16.63 -43.11 38.28
CA GLN A 85 17.64 -44.07 38.74
C GLN A 85 18.89 -43.28 39.21
N HIS A 86 19.11 -43.21 40.55
CA HIS A 86 20.19 -42.47 41.21
C HIS A 86 21.54 -43.13 41.04
N PRO A 87 22.66 -42.36 41.08
CA PRO A 87 24.00 -43.00 41.16
C PRO A 87 24.37 -43.35 42.62
N GLU A 88 25.53 -43.98 42.89
CA GLU A 88 25.88 -44.33 44.27
C GLU A 88 26.22 -43.13 45.16
N ASP A 89 27.33 -42.40 44.83
CA ASP A 89 27.84 -41.19 45.49
C ASP A 89 26.67 -40.35 46.01
N ALA A 90 25.65 -40.18 45.15
CA ALA A 90 24.40 -39.47 45.33
C ALA A 90 24.14 -38.96 46.74
N VAL A 91 24.88 -37.93 47.13
CA VAL A 91 24.72 -37.25 48.41
C VAL A 91 23.76 -36.11 48.16
N ASP A 92 22.87 -35.78 49.13
CA ASP A 92 21.90 -34.70 48.95
C ASP A 92 22.55 -33.31 48.71
N GLU A 93 21.76 -32.34 48.21
CA GLU A 93 22.25 -31.01 47.85
C GLU A 93 23.27 -30.35 48.80
N PRO A 94 22.93 -29.99 50.07
CA PRO A 94 23.94 -29.35 50.95
C PRO A 94 25.31 -30.04 51.02
N GLN A 95 25.32 -31.36 51.21
CA GLN A 95 26.51 -32.22 51.30
C GLN A 95 27.31 -32.20 49.99
N MET A 96 26.61 -32.26 48.86
CA MET A 96 27.21 -32.22 47.53
C MET A 96 27.98 -30.90 47.33
N LEU A 97 27.36 -29.76 47.75
CA LEU A 97 27.86 -28.39 47.64
C LEU A 97 29.14 -28.09 48.43
N THR A 98 29.47 -28.95 49.42
CA THR A 98 30.69 -28.82 50.20
C THR A 98 31.72 -29.81 49.67
N SER A 99 32.26 -29.50 48.48
CA SER A 99 33.27 -30.30 47.80
C SER A 99 34.36 -29.42 47.24
N GLU A 100 35.59 -29.93 47.36
CA GLU A 100 36.83 -29.28 46.92
C GLU A 100 37.09 -29.51 45.42
N LYS A 101 36.16 -30.25 44.73
CA LYS A 101 36.19 -30.45 43.28
C LYS A 101 35.75 -29.11 42.64
N LEU A 102 35.23 -28.21 43.49
CA LEU A 102 34.75 -26.88 43.18
C LEU A 102 35.63 -25.81 43.85
N SER A 103 35.87 -24.68 43.13
CA SER A 103 36.70 -23.56 43.60
C SER A 103 35.97 -22.21 43.56
N TYR A 115 30.21 -13.06 42.13
CA TYR A 115 29.44 -11.88 41.72
C TYR A 115 27.93 -11.99 41.98
N GLU A 116 27.53 -13.01 42.77
CA GLU A 116 26.15 -13.33 43.17
C GLU A 116 26.17 -14.16 44.45
N ASP A 117 25.12 -14.01 45.29
CA ASP A 117 25.06 -14.81 46.52
C ASP A 117 24.33 -16.11 46.27
N SER A 118 24.95 -16.96 45.43
CA SER A 118 24.55 -18.30 45.01
C SER A 118 25.73 -18.95 44.24
N PRO A 119 26.31 -20.05 44.77
CA PRO A 119 27.44 -20.68 44.08
C PRO A 119 27.10 -21.23 42.68
N MET A 120 27.69 -20.64 41.64
CA MET A 120 27.50 -21.10 40.26
C MET A 120 28.38 -22.32 39.97
N HIS A 121 27.82 -23.36 39.38
CA HIS A 121 28.54 -24.58 39.03
C HIS A 121 27.94 -25.16 37.79
N ARG A 122 28.73 -25.92 37.00
CA ARG A 122 28.22 -26.65 35.83
C ARG A 122 27.38 -27.83 36.35
N PHE A 123 26.82 -28.65 35.45
CA PHE A 123 26.03 -29.82 35.84
C PHE A 123 25.77 -30.72 34.66
N THR A 124 26.31 -31.95 34.67
CA THR A 124 26.09 -32.88 33.56
C THR A 124 25.21 -34.08 34.02
N SER A 125 24.88 -35.00 33.09
CA SER A 125 24.06 -36.22 33.25
C SER A 125 22.82 -36.00 34.10
N PHE A 126 22.17 -34.85 33.92
CA PHE A 126 21.01 -34.47 34.70
C PHE A 126 19.76 -35.22 34.31
N SER A 127 18.80 -35.25 35.27
CA SER A 127 17.47 -35.86 35.20
C SER A 127 16.57 -35.04 36.16
N VAL A 128 15.36 -34.60 35.69
CA VAL A 128 14.36 -33.80 36.46
C VAL A 128 13.18 -34.68 36.79
N TYR A 129 12.64 -34.61 38.03
CA TYR A 129 11.54 -35.49 38.43
C TYR A 129 10.59 -35.00 39.54
N CYS A 130 9.39 -35.63 39.62
CA CYS A 130 8.43 -35.31 40.67
C CYS A 130 8.82 -36.07 41.94
N SER A 131 8.21 -35.72 43.06
CA SER A 131 8.42 -36.40 44.35
C SER A 131 8.17 -37.91 44.21
N ARG A 132 7.26 -38.29 43.28
CA ARG A 132 6.93 -39.68 43.00
C ARG A 132 7.97 -40.36 42.06
N GLY A 133 8.98 -39.61 41.61
CA GLY A 133 10.06 -40.14 40.77
C GLY A 133 9.89 -40.24 39.28
N HIS A 134 8.88 -39.57 38.68
CA HIS A 134 8.69 -39.63 37.22
C HIS A 134 9.49 -38.54 36.54
N LEU A 135 10.37 -38.89 35.59
CA LEU A 135 11.15 -37.92 34.83
C LEU A 135 10.19 -36.86 34.29
N CYS A 136 10.58 -35.58 34.36
CA CYS A 136 9.67 -34.49 34.00
C CYS A 136 10.20 -33.45 33.06
N PRO A 137 9.34 -32.86 32.19
CA PRO A 137 9.81 -31.73 31.38
C PRO A 137 9.87 -30.50 32.27
N VAL A 138 10.57 -29.47 31.84
CA VAL A 138 10.73 -28.22 32.59
C VAL A 138 9.84 -27.11 31.99
N ASP A 139 9.76 -27.04 30.64
CA ASP A 139 9.00 -26.10 29.81
C ASP A 139 7.47 -26.13 29.99
N THR A 140 6.93 -27.21 30.52
CA THR A 140 5.51 -27.51 30.70
C THR A 140 4.75 -26.70 31.78
N GLY A 141 5.46 -25.82 32.50
CA GLY A 141 4.88 -24.94 33.51
C GLY A 141 4.51 -25.54 34.87
N LEU A 142 4.93 -26.80 35.13
CA LEU A 142 4.65 -27.50 36.38
C LEU A 142 5.23 -26.70 37.58
N ILE A 143 6.46 -26.14 37.43
CA ILE A 143 7.16 -25.34 38.44
C ILE A 143 6.27 -24.17 38.83
N GLU A 144 5.67 -23.54 37.81
CA GLU A 144 4.77 -22.39 37.90
C GLU A 144 3.45 -22.79 38.57
N LYS A 145 2.95 -24.02 38.29
CA LYS A 145 1.76 -24.62 38.89
C LYS A 145 2.09 -25.12 40.33
N ASN A 146 3.21 -24.60 40.90
CA ASN A 146 3.80 -24.83 42.23
C ASN A 146 4.45 -26.20 42.52
N VAL A 147 4.31 -27.18 41.59
CA VAL A 147 4.84 -28.56 41.66
C VAL A 147 6.35 -28.63 41.89
N GLU A 148 6.77 -29.30 42.98
CA GLU A 148 8.17 -29.46 43.34
C GLU A 148 8.87 -30.41 42.40
N LEU A 149 9.89 -29.89 41.70
CA LEU A 149 10.72 -30.70 40.81
C LEU A 149 12.17 -30.83 41.34
N TYR A 150 12.67 -32.06 41.42
CA TYR A 150 13.98 -32.41 41.97
C TYR A 150 14.89 -32.89 40.87
N PHE A 151 16.20 -32.80 41.09
CA PHE A 151 17.17 -33.23 40.10
C PHE A 151 18.41 -33.91 40.66
N SER A 152 19.10 -34.63 39.77
CA SER A 152 20.31 -35.38 40.02
C SER A 152 21.26 -35.30 38.81
N GLY A 153 22.50 -35.75 39.01
CA GLY A 153 23.58 -35.75 38.03
C GLY A 153 24.91 -35.35 38.67
N CYS A 154 25.95 -35.17 37.83
CA CYS A 154 27.32 -34.86 38.23
C CYS A 154 27.61 -33.35 38.23
N ALA A 155 27.77 -32.73 39.43
CA ALA A 155 28.10 -31.30 39.50
C ALA A 155 29.61 -31.12 39.25
N LYS A 156 29.98 -30.22 38.30
CA LYS A 156 31.38 -29.96 37.96
C LYS A 156 31.75 -28.52 38.29
N ALA A 157 33.03 -28.13 38.02
CA ALA A 157 33.54 -26.78 38.26
C ALA A 157 33.13 -25.82 37.14
N ILE A 158 32.73 -24.57 37.47
CA ILE A 158 32.29 -23.52 36.53
C ILE A 158 33.12 -23.35 35.24
N HIS A 159 34.43 -23.63 35.29
CA HIS A 159 35.35 -23.51 34.16
C HIS A 159 35.48 -24.85 33.36
N ASP A 160 35.17 -25.99 34.01
CA ASP A 160 35.27 -27.33 33.43
C ASP A 160 34.22 -27.53 32.33
N GLU A 161 34.70 -27.58 31.06
CA GLU A 161 33.91 -27.74 29.83
C GLU A 161 33.64 -29.19 29.48
N ASN A 162 34.23 -30.13 30.25
CA ASN A 162 34.06 -31.56 30.01
C ASN A 162 32.65 -32.04 30.28
N PRO A 163 31.93 -32.55 29.24
CA PRO A 163 30.58 -33.05 29.47
C PRO A 163 30.52 -34.51 29.99
N SER A 164 31.66 -35.05 30.47
CA SER A 164 31.74 -36.39 31.04
C SER A 164 31.66 -36.28 32.57
N MET A 165 31.35 -37.41 33.27
CA MET A 165 31.19 -37.44 34.73
C MET A 165 32.52 -37.48 35.52
N GLU A 166 33.63 -37.07 34.88
CA GLU A 166 35.00 -37.06 35.43
C GLU A 166 35.23 -36.24 36.70
N GLY A 167 35.60 -34.98 36.55
CA GLY A 167 35.93 -34.13 37.69
C GLY A 167 34.74 -33.65 38.51
N GLY A 168 33.87 -34.58 38.89
CA GLY A 168 32.66 -34.22 39.63
C GLY A 168 32.06 -35.18 40.63
N ILE A 169 31.36 -34.57 41.60
CA ILE A 169 30.60 -35.18 42.69
C ILE A 169 29.21 -35.48 42.16
N ASN A 170 28.59 -36.55 42.66
CA ASN A 170 27.22 -36.82 42.28
C ASN A 170 26.28 -36.37 43.39
N GLY A 171 25.15 -35.80 42.98
CA GLY A 171 24.12 -35.31 43.90
C GLY A 171 22.78 -35.93 43.58
N LYS A 172 21.87 -35.97 44.57
CA LYS A 172 20.54 -36.53 44.37
C LYS A 172 19.46 -35.67 44.97
N ASN A 173 18.26 -35.70 44.39
CA ASN A 173 17.09 -34.96 44.85
C ASN A 173 17.47 -33.50 45.22
N LEU A 174 18.23 -32.83 44.33
CA LEU A 174 18.72 -31.49 44.57
C LEU A 174 17.58 -30.52 44.66
N GLY A 175 17.42 -29.94 45.86
CA GLY A 175 16.41 -29.00 46.33
C GLY A 175 15.36 -28.58 45.32
N PRO A 176 14.05 -28.46 45.68
CA PRO A 176 13.04 -28.10 44.66
C PRO A 176 13.45 -26.94 43.75
N ILE A 177 13.35 -27.11 42.41
CA ILE A 177 13.73 -26.07 41.44
C ILE A 177 12.93 -24.76 41.64
N ASN A 178 13.62 -23.68 42.09
CA ASN A 178 13.03 -22.35 42.36
C ASN A 178 12.45 -21.79 41.08
N GLN A 179 13.25 -21.86 39.98
CA GLN A 179 12.94 -21.41 38.62
C GLN A 179 14.04 -21.82 37.66
N TRP A 180 13.73 -21.78 36.37
CA TRP A 180 14.69 -22.08 35.31
C TRP A 180 14.91 -20.85 34.44
N TRP A 181 16.10 -20.79 33.85
CA TRP A 181 16.49 -19.63 33.08
C TRP A 181 17.37 -19.97 31.91
N LEU A 182 17.58 -18.98 31.03
CA LEU A 182 18.40 -19.03 29.82
C LEU A 182 19.28 -17.76 29.70
N SER A 183 20.31 -17.83 28.83
CA SER A 183 21.28 -16.77 28.50
C SER A 183 21.84 -17.06 27.08
N GLY A 184 22.54 -16.10 26.48
CA GLY A 184 23.17 -16.25 25.16
C GLY A 184 22.29 -15.95 23.96
N PHE A 185 21.33 -15.03 24.14
CA PHE A 185 20.38 -14.60 23.13
C PHE A 185 20.90 -13.46 22.26
N ASP A 186 22.22 -13.18 22.35
CA ASP A 186 22.87 -12.10 21.61
C ASP A 186 24.09 -12.56 20.81
N GLY A 187 25.15 -12.94 21.53
CA GLY A 187 26.43 -13.33 20.98
C GLY A 187 26.41 -14.58 20.12
N GLY A 188 27.21 -15.56 20.53
CA GLY A 188 27.32 -16.83 19.81
C GLY A 188 26.19 -17.79 20.10
N GLU A 189 26.37 -19.05 19.70
CA GLU A 189 25.41 -20.13 19.91
C GLU A 189 25.49 -20.65 21.38
N LYS A 190 25.64 -19.66 22.27
CA LYS A 190 25.80 -19.75 23.71
C LYS A 190 24.46 -19.92 24.45
N VAL A 191 23.44 -20.56 23.83
CA VAL A 191 22.18 -20.68 24.56
C VAL A 191 22.27 -21.68 25.68
N LEU A 192 22.52 -21.14 26.88
CA LEU A 192 22.70 -21.88 28.11
C LEU A 192 21.41 -21.93 28.88
N ILE A 193 21.03 -23.14 29.33
CA ILE A 193 19.89 -23.47 30.19
C ILE A 193 20.47 -23.54 31.59
N GLY A 194 19.73 -23.04 32.56
CA GLY A 194 20.19 -23.05 33.94
C GLY A 194 19.11 -23.20 34.96
N PHE A 195 19.43 -23.88 36.08
CA PHE A 195 18.50 -24.07 37.20
C PHE A 195 18.92 -23.25 38.40
N SER A 196 17.93 -22.81 39.16
CA SER A 196 18.10 -22.02 40.36
C SER A 196 17.45 -22.75 41.54
N THR A 197 18.20 -22.96 42.64
CA THR A 197 17.72 -23.57 43.90
C THR A 197 18.05 -22.60 45.05
N ALA A 198 17.29 -22.69 46.17
CA ALA A 198 17.55 -21.88 47.36
C ALA A 198 19.00 -22.08 47.89
N PHE A 199 19.72 -23.07 47.37
CA PHE A 199 21.09 -23.35 47.76
C PHE A 199 22.13 -22.83 46.76
N ALA A 200 21.92 -23.02 45.43
CA ALA A 200 22.88 -22.63 44.38
C ALA A 200 22.26 -22.47 42.97
N GLU A 201 23.11 -22.11 41.96
CA GLU A 201 22.75 -21.95 40.54
C GLU A 201 23.51 -22.98 39.70
N TYR A 202 22.85 -23.56 38.70
CA TYR A 202 23.50 -24.59 37.89
C TYR A 202 23.40 -24.33 36.39
N ILE A 203 24.51 -24.54 35.65
CA ILE A 203 24.56 -24.35 34.20
C ILE A 203 24.63 -25.71 33.55
N LEU A 204 23.45 -26.24 33.24
CA LEU A 204 23.26 -27.56 32.66
C LEU A 204 24.16 -27.83 31.47
N MET A 205 24.85 -28.96 31.49
CA MET A 205 25.74 -29.37 30.42
C MET A 205 24.96 -30.34 29.53
N GLU A 206 25.30 -31.64 29.55
CA GLU A 206 24.60 -32.65 28.78
C GLU A 206 23.65 -33.45 29.69
N PRO A 207 22.50 -33.99 29.21
CA PRO A 207 21.60 -34.75 30.11
C PRO A 207 22.00 -36.22 30.28
N SER A 208 21.27 -36.97 31.14
CA SER A 208 21.49 -38.41 31.35
C SER A 208 20.92 -39.19 30.16
N LYS A 209 21.26 -40.50 30.07
CA LYS A 209 20.79 -41.39 29.01
C LYS A 209 19.27 -41.35 28.91
N GLU A 210 18.61 -41.61 30.06
CA GLU A 210 17.17 -41.72 30.25
C GLU A 210 16.46 -40.38 30.04
N TYR A 211 17.00 -39.28 30.61
CA TYR A 211 16.39 -37.96 30.47
C TYR A 211 16.61 -37.31 29.10
N GLU A 212 17.61 -37.79 28.32
CA GLU A 212 17.95 -37.27 26.98
C GLU A 212 16.71 -37.01 26.05
N PRO A 213 15.79 -37.97 25.79
CA PRO A 213 14.61 -37.65 24.96
C PRO A 213 13.76 -36.48 25.47
N ILE A 214 13.60 -36.32 26.81
CA ILE A 214 12.82 -35.22 27.37
C ILE A 214 13.52 -33.90 27.07
N PHE A 215 14.81 -33.84 27.40
CA PHE A 215 15.63 -32.65 27.15
C PHE A 215 15.79 -32.41 25.64
N GLY A 216 15.49 -33.45 24.85
CA GLY A 216 15.57 -33.43 23.39
C GLY A 216 14.51 -32.54 22.77
N LEU A 217 13.26 -32.64 23.25
CA LEU A 217 12.12 -31.83 22.79
C LEU A 217 12.31 -30.41 23.26
N MET A 218 12.94 -30.24 24.42
CA MET A 218 13.22 -28.95 25.03
C MET A 218 14.26 -28.27 24.18
N GLN A 219 15.25 -29.04 23.67
CA GLN A 219 16.33 -28.52 22.80
C GLN A 219 15.82 -27.97 21.49
N GLU A 220 14.80 -28.61 20.91
CA GLU A 220 14.16 -28.16 19.68
C GLU A 220 13.56 -26.76 19.92
N LYS A 221 12.60 -26.67 20.88
CA LYS A 221 11.89 -25.47 21.32
C LYS A 221 12.84 -24.29 21.49
N ILE A 222 14.00 -24.56 22.09
CA ILE A 222 15.06 -23.58 22.36
C ILE A 222 15.76 -23.09 21.08
N TYR A 223 16.13 -24.02 20.18
CA TYR A 223 16.78 -23.67 18.93
C TYR A 223 15.89 -22.74 18.06
N ILE A 224 14.62 -23.12 17.85
CA ILE A 224 13.67 -22.32 17.09
C ILE A 224 13.63 -20.91 17.66
N SER A 225 13.56 -20.77 19.01
CA SER A 225 13.53 -19.49 19.71
C SER A 225 14.78 -18.66 19.47
N LYS A 226 15.94 -19.34 19.28
CA LYS A 226 17.20 -18.64 18.99
C LYS A 226 17.14 -18.03 17.60
N ILE A 227 16.83 -18.85 16.57
CA ILE A 227 16.71 -18.42 15.18
C ILE A 227 15.86 -17.17 15.11
N VAL A 228 14.62 -17.24 15.66
CA VAL A 228 13.61 -16.18 15.68
C VAL A 228 14.16 -14.91 16.27
N VAL A 229 14.71 -14.96 17.50
CA VAL A 229 15.27 -13.79 18.19
C VAL A 229 16.43 -13.17 17.42
N GLU A 230 17.41 -14.00 16.98
CA GLU A 230 18.56 -13.47 16.26
C GLU A 230 18.12 -12.78 14.97
N PHE A 231 17.18 -13.41 14.25
CA PHE A 231 16.56 -12.87 13.03
C PHE A 231 15.83 -11.57 13.30
N LEU A 232 15.16 -11.43 14.45
CA LEU A 232 14.45 -10.20 14.71
C LEU A 232 15.30 -9.01 15.18
N GLN A 233 16.50 -9.30 15.69
CA GLN A 233 17.42 -8.24 16.12
C GLN A 233 17.94 -7.57 14.85
N ASN A 234 18.22 -8.38 13.82
CA ASN A 234 18.72 -8.01 12.50
C ASN A 234 17.65 -7.44 11.60
N ASN A 235 16.49 -8.09 11.58
CA ASN A 235 15.42 -7.72 10.69
C ASN A 235 14.16 -7.38 11.45
N PRO A 236 14.03 -6.23 12.16
CA PRO A 236 12.69 -5.88 12.71
C PRO A 236 11.86 -5.51 11.47
N ASP A 237 10.59 -5.14 11.62
CA ASP A 237 9.77 -4.77 10.44
C ASP A 237 9.49 -5.96 9.50
N ALA A 238 10.09 -7.16 9.76
CA ALA A 238 9.85 -8.37 8.98
C ALA A 238 8.40 -8.81 9.11
N VAL A 239 7.85 -9.17 7.97
CA VAL A 239 6.50 -9.64 7.70
C VAL A 239 6.42 -11.19 7.99
N TYR A 240 5.22 -11.72 8.25
CA TYR A 240 5.05 -13.16 8.52
C TYR A 240 5.80 -14.09 7.51
N GLU A 241 5.71 -13.79 6.20
CA GLU A 241 6.32 -14.63 5.18
C GLU A 241 7.82 -14.62 5.24
N ASP A 242 8.42 -13.58 5.84
CA ASP A 242 9.87 -13.47 5.98
C ASP A 242 10.37 -14.49 7.02
N LEU A 243 9.60 -14.65 8.11
CA LEU A 243 9.90 -15.56 9.21
C LEU A 243 9.82 -16.96 8.75
N ILE A 244 8.74 -17.30 8.09
CA ILE A 244 8.52 -18.65 7.62
C ILE A 244 9.65 -19.05 6.74
N ASN A 245 10.16 -18.14 5.93
CA ASN A 245 11.28 -18.45 5.07
C ASN A 245 12.55 -18.61 5.89
N LYS A 246 12.80 -17.70 6.87
CA LYS A 246 13.96 -17.78 7.76
C LYS A 246 14.01 -19.13 8.44
N ILE A 247 12.88 -19.56 9.05
CA ILE A 247 12.76 -20.84 9.75
C ILE A 247 12.99 -21.99 8.82
N GLU A 248 12.26 -22.02 7.70
CA GLU A 248 12.31 -23.08 6.70
C GLU A 248 13.69 -23.30 6.11
N THR A 249 14.49 -22.26 6.11
CA THR A 249 15.80 -22.19 5.50
C THR A 249 16.98 -22.49 6.41
N THR A 250 16.80 -22.31 7.72
CA THR A 250 17.84 -22.54 8.71
C THR A 250 18.15 -24.02 8.81
N VAL A 251 19.42 -24.39 8.56
CA VAL A 251 19.89 -25.78 8.64
C VAL A 251 20.26 -26.05 10.08
N PRO A 252 19.48 -26.89 10.78
CA PRO A 252 19.79 -27.14 12.20
C PRO A 252 21.04 -27.99 12.33
N PRO A 253 21.84 -27.84 13.41
CA PRO A 253 23.02 -28.71 13.55
C PRO A 253 22.63 -30.17 13.79
N SER A 254 23.59 -31.09 13.57
CA SER A 254 23.44 -32.53 13.72
C SER A 254 22.87 -32.90 15.10
N THR A 255 23.33 -32.15 16.13
CA THR A 255 22.94 -32.25 17.55
C THR A 255 21.43 -32.20 17.80
N ILE A 256 20.69 -31.45 16.95
CA ILE A 256 19.22 -31.38 16.97
C ILE A 256 18.75 -32.58 16.15
N ASN A 257 17.83 -33.36 16.73
CA ASN A 257 17.28 -34.59 16.14
C ASN A 257 16.42 -34.35 14.87
N VAL A 258 16.02 -33.07 14.62
CA VAL A 258 15.21 -32.61 13.48
C VAL A 258 16.08 -32.31 12.28
N ASN A 259 15.61 -32.71 11.08
CA ASN A 259 16.25 -32.48 9.78
C ASN A 259 16.09 -31.02 9.35
N ARG A 260 14.87 -30.44 9.53
CA ARG A 260 14.53 -29.05 9.22
C ARG A 260 13.21 -28.63 9.82
N PHE A 261 13.12 -27.35 10.18
CA PHE A 261 11.93 -26.74 10.77
C PHE A 261 11.04 -26.16 9.71
N THR A 262 9.74 -26.35 9.88
CA THR A 262 8.70 -25.86 8.98
C THR A 262 7.75 -24.93 9.72
N GLU A 263 6.77 -24.36 9.00
CA GLU A 263 5.74 -23.52 9.55
C GLU A 263 4.94 -24.31 10.57
N ASP A 264 4.86 -25.63 10.37
CA ASP A 264 4.12 -26.53 11.27
C ASP A 264 4.75 -26.59 12.66
N SER A 265 6.10 -26.43 12.74
CA SER A 265 6.88 -26.42 13.97
C SER A 265 6.62 -25.12 14.71
N LEU A 266 6.73 -23.97 14.02
CA LEU A 266 6.53 -22.64 14.59
C LEU A 266 5.14 -22.55 15.19
N LEU A 267 4.16 -23.16 14.53
CA LEU A 267 2.79 -23.14 15.04
C LEU A 267 2.68 -24.01 16.30
N ARG A 268 3.36 -25.17 16.34
CA ARG A 268 3.39 -26.12 17.47
C ARG A 268 4.01 -25.53 18.74
N HIS A 269 5.12 -24.79 18.56
CA HIS A 269 5.87 -24.18 19.63
C HIS A 269 5.60 -22.68 19.76
N ALA A 270 4.50 -22.21 19.16
CA ALA A 270 4.10 -20.81 19.21
C ALA A 270 4.12 -20.20 20.62
N GLN A 271 3.56 -20.91 21.60
CA GLN A 271 3.54 -20.43 22.97
C GLN A 271 4.94 -20.30 23.53
N PHE A 272 5.79 -21.27 23.26
CA PHE A 272 7.15 -21.23 23.76
C PHE A 272 7.90 -20.02 23.19
N VAL A 273 8.03 -19.98 21.85
CA VAL A 273 8.72 -18.98 21.05
C VAL A 273 8.29 -17.57 21.44
N VAL A 274 6.97 -17.26 21.37
CA VAL A 274 6.40 -15.96 21.75
C VAL A 274 6.81 -15.58 23.16
N SER A 275 6.57 -16.43 24.16
CA SER A 275 6.97 -16.14 25.55
C SER A 275 8.49 -15.95 25.72
N GLN A 276 9.31 -16.61 24.87
CA GLN A 276 10.75 -16.38 24.91
C GLN A 276 11.12 -15.02 24.29
N VAL A 277 10.46 -14.65 23.16
CA VAL A 277 10.66 -13.38 22.44
C VAL A 277 10.25 -12.23 23.32
N GLU A 278 9.23 -12.41 24.18
CA GLU A 278 8.76 -11.40 25.12
C GLU A 278 9.83 -11.22 26.20
N SER A 279 10.45 -12.36 26.63
CA SER A 279 11.48 -12.39 27.67
C SER A 279 12.75 -11.65 27.27
N TYR A 280 13.16 -11.78 25.99
CA TYR A 280 14.32 -11.07 25.45
C TYR A 280 14.09 -9.58 25.58
N ASP A 281 12.87 -9.10 25.31
CA ASP A 281 12.52 -7.67 25.39
C ASP A 281 12.71 -7.06 26.76
N GLU A 282 12.23 -7.76 27.82
CA GLU A 282 12.37 -7.37 29.23
C GLU A 282 13.87 -7.36 29.61
N ALA A 283 14.61 -8.45 29.24
CA ALA A 283 16.03 -8.69 29.51
C ALA A 283 16.99 -7.55 29.06
N LYS A 284 17.45 -7.53 27.78
CA LYS A 284 18.32 -6.48 27.24
C LYS A 284 17.43 -5.25 26.98
N ASP A 285 17.78 -4.11 27.57
CA ASP A 285 16.96 -2.91 27.42
C ASP A 285 17.50 -1.72 26.64
N ASP A 286 16.70 -1.32 25.63
CA ASP A 286 16.94 -0.19 24.73
C ASP A 286 15.71 0.71 24.77
N ASP A 287 15.72 1.76 23.94
CA ASP A 287 14.60 2.68 23.74
C ASP A 287 13.86 2.18 22.49
N GLU A 288 14.46 1.14 21.84
CA GLU A 288 13.99 0.41 20.64
C GLU A 288 12.70 -0.42 20.89
N THR A 289 11.90 -0.58 19.83
CA THR A 289 10.62 -1.30 19.77
C THR A 289 10.77 -2.75 20.21
N PRO A 290 9.90 -3.27 21.10
CA PRO A 290 10.01 -4.69 21.47
C PRO A 290 9.85 -5.58 20.25
N ILE A 291 10.55 -6.67 20.27
CA ILE A 291 10.58 -7.65 19.19
C ILE A 291 9.28 -8.47 19.09
N PHE A 292 8.54 -8.56 20.18
CA PHE A 292 7.27 -9.24 20.11
C PHE A 292 6.24 -8.40 19.33
N LEU A 293 6.57 -7.16 19.03
CA LEU A 293 5.63 -6.34 18.28
C LEU A 293 5.93 -6.21 16.79
N SER A 294 6.88 -6.96 16.24
CA SER A 294 7.15 -6.82 14.81
C SER A 294 6.02 -7.50 14.01
N PRO A 295 5.74 -7.08 12.74
CA PRO A 295 4.59 -7.66 12.02
C PRO A 295 4.47 -9.19 12.01
N CYS A 296 5.59 -9.92 11.90
CA CYS A 296 5.56 -11.37 11.84
C CYS A 296 5.11 -11.98 13.14
N MET A 297 5.53 -11.34 14.24
CA MET A 297 5.23 -11.76 15.61
C MET A 297 3.79 -11.55 15.96
N ARG A 298 3.20 -10.44 15.51
CA ARG A 298 1.79 -10.11 15.73
C ARG A 298 0.90 -11.07 14.91
N ALA A 299 1.35 -11.43 13.69
CA ALA A 299 0.68 -12.37 12.81
C ALA A 299 0.64 -13.76 13.45
N LEU A 300 1.75 -14.16 14.10
CA LEU A 300 1.86 -15.44 14.80
C LEU A 300 0.91 -15.48 15.97
N ILE A 301 0.94 -14.42 16.78
CA ILE A 301 0.11 -14.29 17.98
C ILE A 301 -1.37 -14.50 17.67
N HIS A 302 -1.88 -13.91 16.57
CA HIS A 302 -3.27 -14.00 16.18
C HIS A 302 -3.58 -15.34 15.57
N LEU A 303 -2.73 -15.82 14.65
CA LEU A 303 -2.95 -17.10 13.97
C LEU A 303 -2.96 -18.31 14.94
N ALA A 304 -1.90 -18.46 15.71
CA ALA A 304 -1.82 -19.49 16.73
C ALA A 304 -2.59 -18.99 17.96
N GLY A 305 -2.97 -19.84 18.87
CA GLY A 305 -3.70 -19.27 20.00
C GLY A 305 -2.85 -18.87 21.19
N VAL A 306 -2.04 -17.81 21.03
CA VAL A 306 -1.15 -17.41 22.12
C VAL A 306 -1.72 -16.58 23.27
N SER A 307 -1.24 -16.87 24.49
CA SER A 307 -1.56 -16.14 25.73
C SER A 307 -0.31 -15.32 26.08
N LEU A 308 -0.37 -14.00 25.84
CA LEU A 308 0.75 -13.08 26.10
C LEU A 308 0.97 -12.82 27.59
N GLY A 309 2.18 -12.36 27.93
CA GLY A 309 2.52 -11.99 29.30
C GLY A 309 3.12 -13.05 30.21
N GLN A 310 3.13 -14.33 29.76
CA GLN A 310 3.72 -15.42 30.54
C GLN A 310 5.22 -15.20 30.49
N ARG A 311 5.77 -14.77 31.62
CA ARG A 311 7.17 -14.41 31.83
C ARG A 311 8.09 -15.63 31.97
N ARG A 312 9.44 -15.37 31.87
CA ARG A 312 10.54 -16.35 31.98
C ARG A 312 11.93 -15.68 32.14
N ALA A 313 12.99 -16.42 31.72
CA ALA A 313 14.44 -16.17 31.73
C ALA A 313 14.98 -14.77 31.36
N THR A 314 16.28 -14.55 31.65
CA THR A 314 17.03 -13.32 31.36
C THR A 314 18.48 -13.66 30.92
N ARG A 315 19.41 -13.85 31.88
CA ARG A 315 20.81 -14.17 31.60
C ARG A 315 21.45 -14.95 32.75
N ALA A 327 26.20 4.55 16.13
CA ALA A 327 25.72 5.91 15.87
C ALA A 327 24.54 5.88 14.91
N PRO A 328 23.51 6.73 15.12
CA PRO A 328 22.32 6.67 14.25
C PRO A 328 22.50 7.32 12.87
N THR A 329 21.90 6.67 11.85
CA THR A 329 21.86 7.02 10.42
C THR A 329 21.63 8.50 10.21
N LYS A 330 22.46 9.11 9.36
CA LYS A 330 22.33 10.52 9.05
C LYS A 330 22.03 10.67 7.58
N ALA A 331 20.96 11.41 7.29
CA ALA A 331 20.50 11.69 5.94
C ALA A 331 21.33 12.75 5.28
N THR A 332 21.60 12.57 3.99
CA THR A 332 22.32 13.57 3.20
C THR A 332 21.28 14.58 2.73
N THR A 333 21.11 15.61 3.56
CA THR A 333 20.18 16.70 3.34
C THR A 333 20.87 17.78 2.58
N THR A 334 20.10 18.74 2.10
CA THR A 334 20.63 19.97 1.56
C THR A 334 20.29 20.98 2.66
N LYS A 335 20.91 22.15 2.64
CA LYS A 335 20.69 23.21 3.61
C LYS A 335 19.15 23.41 3.79
N LEU A 336 18.45 23.76 2.68
CA LEU A 336 17.01 23.96 2.53
C LEU A 336 16.20 22.86 3.20
N VAL A 337 16.39 21.61 2.74
CA VAL A 337 15.69 20.42 3.19
C VAL A 337 15.93 20.19 4.67
N TYR A 338 17.18 20.40 5.13
CA TYR A 338 17.51 20.17 6.54
C TYR A 338 16.67 21.00 7.46
N GLN A 339 16.65 22.32 7.18
CA GLN A 339 15.97 23.34 7.93
C GLN A 339 14.49 23.12 8.07
N ILE A 340 13.82 22.57 7.03
CA ILE A 340 12.39 22.30 7.10
C ILE A 340 12.07 21.33 8.25
N PHE A 341 12.80 20.22 8.31
CA PHE A 341 12.58 19.17 9.30
C PHE A 341 13.13 19.56 10.66
N ASP A 342 14.18 20.39 10.63
CA ASP A 342 14.81 20.92 11.82
C ASP A 342 13.80 21.92 12.43
N THR A 343 13.34 22.91 11.62
CA THR A 343 12.38 23.96 12.03
C THR A 343 10.91 23.49 12.11
N PHE A 344 10.71 22.20 12.42
CA PHE A 344 9.42 21.57 12.64
C PHE A 344 9.47 20.90 13.99
N PHE A 345 10.59 20.21 14.27
CA PHE A 345 10.87 19.51 15.52
C PHE A 345 10.91 20.54 16.61
N SER A 346 11.70 21.60 16.37
CA SER A 346 11.93 22.77 17.20
C SER A 346 10.73 23.72 17.11
N GLU A 347 9.57 23.21 17.55
CA GLU A 347 8.24 23.82 17.58
C GLU A 347 7.35 22.67 18.05
N GLN A 348 6.74 21.94 17.08
CA GLN A 348 5.88 20.78 17.30
C GLN A 348 6.75 19.60 17.75
N ILE A 349 6.69 19.30 19.08
CA ILE A 349 7.36 18.24 19.86
C ILE A 349 6.92 18.34 21.35
N GLU A 350 5.78 17.69 21.66
CA GLU A 350 5.18 17.69 23.00
C GLU A 350 5.04 16.28 23.62
N LYS A 351 4.34 16.17 24.79
CA LYS A 351 4.09 14.92 25.51
C LYS A 351 2.74 14.97 26.20
N ARG A 363 -4.04 3.23 27.22
CA ARG A 363 -3.77 2.90 28.63
C ARG A 363 -4.70 1.80 29.22
N ARG A 364 -5.67 1.30 28.40
CA ARG A 364 -6.64 0.26 28.76
C ARG A 364 -5.95 -1.13 28.96
N ARG A 365 -5.17 -1.27 30.06
CA ARG A 365 -4.43 -2.50 30.42
C ARG A 365 -5.38 -3.65 30.73
N CYS A 366 -5.08 -4.84 30.22
CA CYS A 366 -5.92 -6.03 30.37
C CYS A 366 -6.26 -6.39 31.80
N GLY A 367 -5.28 -6.24 32.71
CA GLY A 367 -5.43 -6.57 34.12
C GLY A 367 -5.12 -8.03 34.40
N VAL A 368 -5.77 -8.92 33.65
CA VAL A 368 -5.72 -10.38 33.78
C VAL A 368 -4.34 -11.01 33.63
N CYS A 369 -3.55 -10.59 32.65
CA CYS A 369 -2.22 -11.18 32.45
C CYS A 369 -1.24 -11.12 33.63
N GLU A 370 -0.24 -11.99 33.58
CA GLU A 370 0.83 -12.22 34.54
C GLU A 370 1.71 -10.96 34.67
N VAL A 371 1.69 -10.09 33.66
CA VAL A 371 2.46 -8.84 33.62
C VAL A 371 1.75 -7.80 34.48
N CYS A 372 0.42 -7.70 34.33
CA CYS A 372 -0.45 -6.81 35.08
C CYS A 372 -0.48 -7.25 36.52
N GLN A 373 -0.56 -8.57 36.76
CA GLN A 373 -0.58 -9.16 38.09
C GLN A 373 0.83 -9.15 38.77
N GLN A 374 1.59 -8.03 38.65
CA GLN A 374 2.94 -7.84 39.22
C GLN A 374 3.18 -6.37 39.58
N PRO A 375 3.90 -6.03 40.70
CA PRO A 375 4.11 -4.60 41.05
C PRO A 375 5.40 -3.97 40.52
N ALA A 398 8.62 4.02 39.30
CA ALA A 398 9.83 4.04 38.47
C ALA A 398 10.58 2.67 38.27
N CYS A 399 10.17 1.59 39.01
CA CYS A 399 10.76 0.23 38.86
C CYS A 399 10.32 -0.29 37.51
N LEU A 400 9.01 -0.09 37.26
CA LEU A 400 8.11 -0.40 36.13
C LEU A 400 8.64 -1.17 34.92
N LYS A 401 7.95 -2.28 34.64
CA LYS A 401 8.05 -3.21 33.50
C LYS A 401 6.75 -4.03 33.58
N ARG A 402 5.68 -3.25 33.86
CA ARG A 402 4.27 -3.59 33.99
C ARG A 402 3.56 -3.25 32.64
N ARG A 403 4.34 -3.20 31.54
CA ARG A 403 3.87 -2.93 30.16
C ARG A 403 3.02 -4.08 29.64
N CYS A 404 1.66 -3.97 29.78
CA CYS A 404 0.73 -5.03 29.33
C CYS A 404 0.91 -5.47 27.85
N PRO A 405 1.29 -6.74 27.59
CA PRO A 405 1.48 -7.21 26.21
C PRO A 405 0.22 -7.19 25.36
N ASN A 406 -0.94 -7.45 26.00
CA ASN A 406 -2.25 -7.46 25.35
C ASN A 406 -2.67 -6.07 24.82
N LEU A 407 -2.42 -5.00 25.60
CA LEU A 407 -2.65 -3.59 25.23
C LEU A 407 -1.67 -3.18 24.11
N ALA A 408 -0.37 -3.54 24.27
CA ALA A 408 0.70 -3.27 23.34
C ALA A 408 0.38 -3.80 21.93
N VAL A 409 -0.18 -5.01 21.85
CA VAL A 409 -0.55 -5.61 20.57
C VAL A 409 -1.68 -4.84 19.94
N LYS A 410 -2.75 -4.55 20.73
CA LYS A 410 -3.89 -3.81 20.21
C LYS A 410 -3.43 -2.48 19.67
N GLU A 411 -2.66 -1.74 20.46
CA GLU A 411 -2.10 -0.43 20.09
C GLU A 411 -1.29 -0.48 18.82
N ALA A 412 -0.44 -1.50 18.65
CA ALA A 412 0.37 -1.67 17.46
C ALA A 412 -0.49 -2.02 16.26
N ASP A 413 -1.52 -2.87 16.45
CA ASP A 413 -2.40 -3.25 15.37
C ASP A 413 -3.24 -2.04 14.97
N ASP A 414 -3.78 -1.28 15.95
CA ASP A 414 -4.57 -0.06 15.73
C ASP A 414 -3.78 1.04 14.92
N ASP A 415 -2.51 1.23 15.26
CA ASP A 415 -1.62 2.21 14.65
C ASP A 415 -1.38 1.92 13.15
N GLU A 416 -1.70 0.70 12.67
CA GLU A 416 -1.50 0.28 11.27
C GLU A 416 -2.69 0.54 10.34
N GLU A 417 -3.85 0.93 10.94
CA GLU A 417 -5.13 1.23 10.29
C GLU A 417 -5.43 2.74 10.15
N ALA A 418 -6.01 3.11 8.99
CA ALA A 418 -6.36 4.50 8.64
C ALA A 418 -7.89 4.70 8.40
N ASP A 419 -8.34 5.97 8.14
CA ASP A 419 -9.75 6.36 7.90
C ASP A 419 -10.15 6.75 6.45
N ASP A 420 -10.77 5.77 5.73
CA ASP A 420 -11.27 5.85 4.36
C ASP A 420 -12.77 6.19 4.33
N GLU A 424 -18.99 8.97 2.61
CA GLU A 424 -17.75 9.73 2.76
C GLU A 424 -18.04 11.21 3.01
N MET A 425 -17.29 11.82 3.97
CA MET A 425 -17.29 13.21 4.44
C MET A 425 -17.61 14.27 3.35
N PRO A 426 -18.35 15.37 3.65
CA PRO A 426 -18.68 16.38 2.61
C PRO A 426 -17.51 17.14 1.96
N SER A 427 -17.81 17.84 0.84
CA SER A 427 -16.87 18.69 0.11
C SER A 427 -16.49 19.87 1.03
N PRO A 428 -15.17 20.13 1.29
CA PRO A 428 -14.81 21.23 2.22
C PRO A 428 -15.38 22.60 1.85
N LYS A 429 -15.88 23.32 2.87
CA LYS A 429 -16.50 24.64 2.77
C LYS A 429 -15.48 25.68 2.33
N LYS A 430 -15.90 26.59 1.44
CA LYS A 430 -15.01 27.63 0.94
C LYS A 430 -14.77 28.73 1.98
N LEU A 431 -13.49 29.09 2.20
CA LEU A 431 -13.04 30.11 3.16
C LEU A 431 -13.58 31.52 2.86
N HIS A 432 -13.27 32.50 3.73
CA HIS A 432 -13.62 33.93 3.59
C HIS A 432 -15.10 34.28 3.39
N GLN A 433 -16.03 33.33 3.67
CA GLN A 433 -17.48 33.55 3.52
C GLN A 433 -18.22 34.02 4.81
N GLY A 434 -17.45 34.31 5.86
CA GLY A 434 -17.95 34.77 7.15
C GLY A 434 -18.16 36.27 7.24
N LYS A 435 -18.59 36.73 8.42
CA LYS A 435 -18.85 38.14 8.69
C LYS A 435 -17.55 38.94 8.80
N LYS A 436 -17.62 40.25 8.39
CA LYS A 436 -16.55 41.24 8.40
C LYS A 436 -16.96 42.51 9.16
N LYS A 437 -16.00 43.13 9.88
CA LYS A 437 -16.25 44.37 10.64
C LYS A 437 -15.81 45.64 9.88
N LYS A 438 -16.62 46.71 9.94
CA LYS A 438 -16.32 47.97 9.24
C LYS A 438 -15.49 48.93 10.07
N GLN A 439 -14.56 49.65 9.42
CA GLN A 439 -13.69 50.66 10.03
C GLN A 439 -14.40 52.00 9.99
N ASN A 440 -14.19 52.85 11.01
CA ASN A 440 -14.83 54.16 11.06
C ASN A 440 -14.37 55.11 9.97
N LYS A 441 -15.37 55.72 9.29
CA LYS A 441 -15.16 56.66 8.19
C LYS A 441 -14.75 58.08 8.61
N ASP A 442 -13.51 58.45 8.26
CA ASP A 442 -12.91 59.77 8.49
C ASP A 442 -13.00 60.50 7.15
N ARG A 443 -12.06 60.20 6.24
CA ARG A 443 -12.01 60.78 4.92
C ARG A 443 -11.70 59.76 3.81
N ILE A 444 -12.75 59.35 3.10
CA ILE A 444 -12.65 58.44 1.97
C ILE A 444 -12.92 59.27 0.72
N SER A 445 -11.89 59.52 -0.13
CA SER A 445 -12.07 60.30 -1.35
C SER A 445 -11.18 59.88 -2.52
N TRP A 446 -11.80 59.74 -3.71
CA TRP A 446 -11.13 59.36 -4.95
C TRP A 446 -10.03 60.36 -5.32
N LEU A 447 -8.92 59.86 -5.90
CA LEU A 447 -7.79 60.67 -6.36
C LEU A 447 -7.53 60.37 -7.83
N GLY A 448 -7.38 61.43 -8.62
CA GLY A 448 -7.14 61.32 -10.06
C GLY A 448 -8.43 61.35 -10.85
N GLN A 449 -8.36 60.95 -12.13
CA GLN A 449 -9.50 60.94 -13.04
C GLN A 449 -10.03 59.51 -13.28
N PRO A 450 -11.36 59.30 -13.47
CA PRO A 450 -11.87 57.94 -13.70
C PRO A 450 -11.16 57.15 -14.80
N MET A 451 -10.72 55.92 -14.45
CA MET A 451 -10.05 54.96 -15.32
C MET A 451 -10.98 54.47 -16.45
N LYS A 452 -12.27 54.25 -16.13
CA LYS A 452 -13.29 53.78 -17.08
C LYS A 452 -14.70 54.14 -16.52
N ILE A 453 -15.77 53.88 -17.31
CA ILE A 453 -17.17 54.06 -16.95
C ILE A 453 -17.99 52.90 -17.58
N GLU A 454 -18.70 52.12 -16.73
CA GLU A 454 -19.56 50.99 -17.13
C GLU A 454 -21.00 51.20 -16.63
N ARG A 457 -23.55 52.84 -15.26
CA ARG A 457 -24.05 52.34 -13.98
C ARG A 457 -22.96 52.15 -12.86
N THR A 458 -21.65 52.10 -13.23
CA THR A 458 -20.51 52.01 -12.31
C THR A 458 -19.34 52.83 -12.87
N TYR A 459 -18.57 53.53 -11.99
CA TYR A 459 -17.47 54.41 -12.40
C TYR A 459 -16.17 54.22 -11.63
N TYR A 460 -15.25 53.44 -12.24
CA TYR A 460 -13.92 53.01 -11.78
C TYR A 460 -12.88 54.12 -11.64
N GLN A 461 -11.87 53.94 -10.76
CA GLN A 461 -10.80 54.92 -10.47
C GLN A 461 -9.50 54.20 -10.19
N LYS A 462 -8.32 54.82 -10.48
CA LYS A 462 -6.99 54.19 -10.25
C LYS A 462 -6.53 54.26 -8.79
N VAL A 463 -6.76 55.38 -8.14
CA VAL A 463 -6.34 55.58 -6.75
C VAL A 463 -7.55 56.08 -5.89
N SER A 464 -7.43 55.94 -4.56
CA SER A 464 -8.40 56.38 -3.58
C SER A 464 -7.67 56.83 -2.32
N ILE A 465 -8.27 57.74 -1.54
CA ILE A 465 -7.71 58.19 -0.27
C ILE A 465 -8.50 57.64 0.91
N ASP A 466 -7.77 57.19 1.92
CA ASP A 466 -8.31 56.70 3.18
C ASP A 466 -7.22 57.04 4.17
N GLU A 467 -7.06 58.38 4.42
CA GLU A 467 -6.01 59.00 5.25
C GLU A 467 -4.64 58.91 4.52
N GLU A 468 -4.28 57.67 4.07
CA GLU A 468 -3.09 57.38 3.25
C GLU A 468 -3.52 57.00 1.80
N MET A 469 -2.58 56.51 0.96
CA MET A 469 -2.86 56.20 -0.45
C MET A 469 -2.96 54.72 -0.80
N LEU A 470 -4.07 54.35 -1.50
CA LEU A 470 -4.37 53.00 -1.98
C LEU A 470 -4.61 53.01 -3.49
N GLU A 471 -3.84 52.22 -4.23
CA GLU A 471 -3.88 52.16 -5.68
C GLU A 471 -4.25 50.75 -6.16
N VAL A 472 -5.03 50.67 -7.26
CA VAL A 472 -5.47 49.43 -7.89
C VAL A 472 -4.26 48.52 -8.06
N GLY A 473 -4.23 47.45 -7.25
CA GLY A 473 -3.14 46.49 -7.28
C GLY A 473 -2.38 46.36 -5.97
N ASP A 474 -2.74 47.16 -4.96
CA ASP A 474 -2.12 47.08 -3.64
C ASP A 474 -2.84 45.97 -2.86
N CYS A 475 -2.36 45.63 -1.66
CA CYS A 475 -3.00 44.59 -0.87
C CYS A 475 -3.52 45.12 0.43
N VAL A 476 -4.66 44.58 0.92
CA VAL A 476 -5.30 45.06 2.15
C VAL A 476 -5.67 43.98 3.17
N SER A 477 -5.86 44.41 4.41
CA SER A 477 -6.28 43.57 5.51
C SER A 477 -7.69 43.95 5.90
N VAL A 478 -8.54 42.95 6.09
CA VAL A 478 -9.93 43.13 6.51
C VAL A 478 -10.14 42.32 7.80
N ILE A 479 -10.55 43.00 8.89
CA ILE A 479 -10.77 42.32 10.18
C ILE A 479 -12.16 41.64 10.16
N PRO A 480 -12.26 40.32 10.44
CA PRO A 480 -13.58 39.68 10.43
C PRO A 480 -14.23 39.66 11.82
N ASP A 481 -15.39 39.01 11.94
CA ASP A 481 -16.05 38.84 13.23
C ASP A 481 -15.35 37.66 13.87
N ASP A 482 -14.19 37.97 14.50
CA ASP A 482 -13.16 37.14 15.16
C ASP A 482 -13.54 35.77 15.78
N SER A 483 -14.23 34.91 14.98
CA SER A 483 -14.71 33.56 15.34
C SER A 483 -13.56 32.56 15.58
N SER A 484 -12.32 33.00 15.27
CA SER A 484 -11.03 32.31 15.42
C SER A 484 -9.93 33.40 15.45
N LYS A 485 -10.31 34.64 15.03
CA LYS A 485 -9.49 35.85 14.90
C LYS A 485 -8.42 35.77 13.75
N PRO A 486 -8.67 35.12 12.56
CA PRO A 486 -7.62 35.06 11.53
C PRO A 486 -7.75 36.21 10.52
N LEU A 487 -6.90 37.25 10.70
CA LEU A 487 -6.90 38.47 9.88
C LEU A 487 -6.89 38.18 8.37
N TYR A 488 -8.00 38.54 7.68
CA TYR A 488 -8.20 38.34 6.24
C TYR A 488 -7.30 39.23 5.40
N LEU A 489 -6.79 38.67 4.29
CA LEU A 489 -5.92 39.37 3.33
C LEU A 489 -6.43 39.24 1.89
N ALA A 490 -6.41 40.38 1.16
CA ALA A 490 -6.87 40.49 -0.22
C ALA A 490 -5.98 41.38 -1.04
N ARG A 491 -6.13 41.33 -2.36
CA ARG A 491 -5.42 42.20 -3.30
C ARG A 491 -6.51 43.04 -3.96
N VAL A 492 -6.36 44.38 -3.91
CA VAL A 492 -7.31 45.36 -4.46
C VAL A 492 -7.32 45.30 -5.99
N THR A 493 -8.33 44.56 -6.54
CA THR A 493 -8.58 44.29 -7.96
C THR A 493 -9.05 45.50 -8.71
N ALA A 494 -10.16 46.08 -8.24
CA ALA A 494 -10.82 47.22 -8.84
C ALA A 494 -11.22 48.23 -7.75
N LEU A 495 -11.55 49.45 -8.18
CA LEU A 495 -12.02 50.52 -7.33
C LEU A 495 -13.07 51.27 -8.14
N TRP A 496 -14.30 51.48 -7.59
CA TRP A 496 -15.37 52.21 -8.27
C TRP A 496 -16.43 52.78 -7.33
N GLU A 497 -17.34 53.58 -7.90
CA GLU A 497 -18.45 54.19 -7.19
C GLU A 497 -19.76 53.69 -7.82
N ASP A 498 -20.55 52.88 -7.10
CA ASP A 498 -21.79 52.39 -7.68
C ASP A 498 -22.83 53.48 -7.90
N LYS A 499 -23.88 53.20 -8.69
CA LYS A 499 -24.96 54.13 -8.99
C LYS A 499 -25.57 54.75 -7.72
N ASN A 500 -25.45 54.08 -6.57
CA ASN A 500 -25.98 54.57 -5.29
C ASN A 500 -24.93 55.37 -4.49
N GLY A 501 -23.80 55.69 -5.14
CA GLY A 501 -22.73 56.47 -4.53
C GLY A 501 -21.95 55.72 -3.47
N GLN A 502 -22.01 54.38 -3.50
CA GLN A 502 -21.28 53.57 -2.56
C GLN A 502 -19.89 53.34 -3.13
N MET A 503 -18.85 53.66 -2.36
CA MET A 503 -17.47 53.50 -2.75
C MET A 503 -17.02 52.04 -2.52
N MET A 504 -16.76 51.32 -3.62
CA MET A 504 -16.46 49.90 -3.62
C MET A 504 -15.08 49.54 -4.08
N PHE A 505 -14.71 48.33 -3.76
CA PHE A 505 -13.50 47.73 -4.23
C PHE A 505 -13.78 46.22 -4.42
N HIS A 506 -13.06 45.61 -5.33
CA HIS A 506 -13.15 44.18 -5.53
C HIS A 506 -11.93 43.61 -4.83
N ALA A 507 -12.16 42.60 -3.95
CA ALA A 507 -11.15 41.94 -3.13
C ALA A 507 -10.82 40.55 -3.67
N HIS A 508 -9.58 40.34 -4.13
CA HIS A 508 -9.15 39.00 -4.57
C HIS A 508 -8.36 38.39 -3.40
N TRP A 509 -9.06 37.60 -2.57
CA TRP A 509 -8.57 36.99 -1.35
C TRP A 509 -7.30 36.15 -1.50
N PHE A 510 -6.47 36.17 -0.47
CA PHE A 510 -5.26 35.35 -0.35
C PHE A 510 -5.57 34.22 0.63
N CYS A 511 -4.83 33.14 0.52
CA CYS A 511 -5.00 32.03 1.43
C CYS A 511 -3.82 31.93 2.33
N ALA A 512 -4.04 31.91 3.65
CA ALA A 512 -2.92 31.73 4.58
C ALA A 512 -2.44 30.28 4.42
N GLY A 513 -1.13 30.05 4.54
CA GLY A 513 -0.56 28.71 4.42
C GLY A 513 -1.14 27.70 5.39
N THR A 514 -1.46 28.17 6.60
CA THR A 514 -2.03 27.37 7.69
C THR A 514 -3.47 26.91 7.36
N ASP A 515 -4.05 27.48 6.28
CA ASP A 515 -5.37 27.21 5.73
C ASP A 515 -5.33 26.37 4.45
N THR A 516 -4.13 26.10 3.91
CA THR A 516 -3.99 25.20 2.77
C THR A 516 -3.75 23.83 3.39
N VAL A 517 -3.66 22.79 2.56
CA VAL A 517 -3.42 21.42 3.02
C VAL A 517 -2.28 21.36 4.05
N LEU A 518 -1.23 22.21 3.85
CA LEU A 518 0.01 22.33 4.65
C LEU A 518 -0.20 22.51 6.12
N GLY A 519 -1.18 23.33 6.48
CA GLY A 519 -1.49 23.65 7.87
C GLY A 519 -0.29 24.23 8.57
N ALA A 520 -0.11 23.83 9.83
CA ALA A 520 0.97 24.20 10.74
C ALA A 520 2.40 24.15 10.14
N THR A 521 2.65 23.26 9.14
CA THR A 521 3.98 23.12 8.54
C THR A 521 4.40 24.29 7.70
N SER A 522 3.45 25.07 7.16
CA SER A 522 3.73 26.21 6.28
C SER A 522 4.44 27.38 6.94
N ASP A 523 5.05 28.20 6.07
CA ASP A 523 5.71 29.45 6.47
C ASP A 523 4.57 30.39 6.90
N PRO A 524 4.59 30.94 8.14
CA PRO A 524 3.50 31.83 8.60
C PRO A 524 3.38 33.15 7.84
N LEU A 525 4.39 33.48 7.03
CA LEU A 525 4.42 34.66 6.20
C LEU A 525 4.03 34.30 4.77
N GLU A 526 3.82 33.01 4.49
CA GLU A 526 3.46 32.57 3.15
C GLU A 526 1.96 32.55 2.92
N LEU A 527 1.56 33.20 1.83
CA LEU A 527 0.19 33.27 1.39
C LEU A 527 0.10 32.57 0.03
N PHE A 528 -1.13 32.28 -0.44
CA PHE A 528 -1.37 31.58 -1.70
C PHE A 528 -2.53 32.17 -2.44
N LEU A 529 -2.48 32.17 -3.78
CA LEU A 529 -3.55 32.66 -4.61
C LEU A 529 -4.70 31.64 -4.65
N VAL A 530 -5.93 32.13 -4.56
CA VAL A 530 -7.10 31.28 -4.59
C VAL A 530 -8.13 31.80 -5.58
N GLY A 531 -9.11 30.98 -5.88
CA GLY A 531 -10.24 31.36 -6.73
C GLY A 531 -11.38 31.86 -5.85
N GLU A 532 -11.07 32.85 -5.00
CA GLU A 532 -12.02 33.44 -4.07
C GLU A 532 -11.88 34.94 -4.12
N CYS A 533 -12.98 35.61 -4.55
CA CYS A 533 -13.04 37.06 -4.67
C CYS A 533 -14.47 37.52 -4.55
N GLU A 534 -14.64 38.74 -4.02
CA GLU A 534 -15.92 39.39 -3.75
C GLU A 534 -15.85 40.93 -3.74
N ASN A 535 -17.02 41.56 -4.02
CA ASN A 535 -17.23 43.01 -4.02
C ASN A 535 -17.48 43.47 -2.58
N MET A 536 -16.79 44.53 -2.15
CA MET A 536 -16.93 45.09 -0.82
C MET A 536 -16.81 46.59 -0.77
N GLN A 537 -17.41 47.20 0.26
CA GLN A 537 -17.36 48.64 0.51
C GLN A 537 -15.97 48.98 1.10
N LEU A 538 -15.31 50.03 0.60
CA LEU A 538 -13.99 50.52 1.03
C LEU A 538 -13.82 50.66 2.53
N SER A 539 -14.96 50.73 3.24
CA SER A 539 -15.06 50.85 4.69
C SER A 539 -14.50 49.64 5.44
N TYR A 540 -14.59 48.43 4.85
CA TYR A 540 -14.10 47.21 5.49
C TYR A 540 -12.58 47.13 5.63
N ILE A 541 -11.85 47.87 4.77
CA ILE A 541 -10.39 47.91 4.75
C ILE A 541 -9.85 48.40 6.09
N HIS A 542 -8.97 47.62 6.73
CA HIS A 542 -8.34 48.06 7.97
C HIS A 542 -7.01 48.69 7.66
N SER A 543 -6.14 48.00 6.88
CA SER A 543 -4.82 48.51 6.54
C SER A 543 -4.31 47.99 5.20
N LYS A 544 -3.37 48.73 4.57
CA LYS A 544 -2.72 48.25 3.36
C LYS A 544 -1.50 47.44 3.80
N VAL A 545 -1.35 46.24 3.22
CA VAL A 545 -0.32 45.27 3.56
C VAL A 545 0.63 45.07 2.38
N LYS A 546 1.94 45.03 2.67
CA LYS A 546 3.03 44.81 1.71
C LYS A 546 3.04 43.32 1.31
N VAL A 547 2.68 43.01 0.03
CA VAL A 547 2.67 41.63 -0.47
C VAL A 547 3.59 41.37 -1.67
N ILE A 548 4.78 40.81 -1.34
CA ILE A 548 5.88 40.46 -2.25
C ILE A 548 5.68 39.12 -2.96
N TYR A 549 5.94 39.09 -4.27
CA TYR A 549 5.90 37.87 -5.06
C TYR A 549 7.32 37.32 -5.07
N LYS A 550 7.51 36.10 -4.51
CA LYS A 550 8.79 35.41 -4.48
C LYS A 550 8.89 34.66 -5.80
N ALA A 551 9.31 35.36 -6.85
CA ALA A 551 9.42 34.81 -8.20
C ALA A 551 10.67 33.94 -8.34
N PRO A 552 10.62 32.87 -9.17
CA PRO A 552 11.83 32.04 -9.34
C PRO A 552 12.92 32.75 -10.15
N SER A 553 14.21 32.49 -9.83
CA SER A 553 15.38 33.07 -10.51
C SER A 553 15.48 32.61 -11.96
N GLU A 554 16.44 33.23 -12.70
CA GLU A 554 16.76 32.91 -14.10
C GLU A 554 17.31 31.49 -14.14
N ASN A 555 18.23 31.18 -13.21
CA ASN A 555 18.78 29.85 -13.01
C ASN A 555 18.22 29.28 -11.71
N TRP A 556 16.88 29.06 -11.66
CA TRP A 556 16.29 28.44 -10.46
C TRP A 556 16.77 26.98 -10.46
N ALA A 557 16.81 26.39 -11.67
CA ALA A 557 17.24 25.03 -12.01
C ALA A 557 18.65 24.72 -11.52
N MET A 558 19.51 25.74 -11.48
CA MET A 558 20.89 25.56 -11.08
C MET A 558 21.17 26.05 -9.67
N GLU A 559 20.13 26.40 -8.91
CA GLU A 559 20.23 26.91 -7.55
C GLU A 559 20.15 25.88 -6.41
N GLY A 560 20.19 24.57 -6.72
CA GLY A 560 20.15 23.50 -5.71
C GLY A 560 21.28 23.65 -4.72
N GLY A 561 20.95 24.20 -3.54
CA GLY A 561 21.95 24.50 -2.52
C GLY A 561 22.87 25.66 -2.88
N LYS A 575 10.22 38.74 7.32
CA LYS A 575 9.96 40.18 7.26
C LYS A 575 8.49 40.43 6.81
N THR A 576 8.22 40.48 5.47
CA THR A 576 6.90 40.73 4.89
C THR A 576 6.17 39.46 4.37
N TYR A 577 4.86 39.59 4.10
CA TYR A 577 4.02 38.54 3.53
C TYR A 577 4.45 38.30 2.10
N PHE A 578 4.56 37.03 1.71
CA PHE A 578 4.93 36.67 0.34
C PHE A 578 4.07 35.56 -0.20
N PHE A 579 4.03 35.43 -1.51
CA PHE A 579 3.30 34.34 -2.12
C PHE A 579 4.11 33.84 -3.26
N GLN A 580 3.97 32.54 -3.54
CA GLN A 580 4.69 31.93 -4.62
C GLN A 580 3.73 31.27 -5.59
N LEU A 581 2.71 30.55 -5.04
CA LEU A 581 1.81 29.76 -5.85
C LEU A 581 0.33 30.06 -5.72
N TRP A 582 -0.46 29.43 -6.62
CA TRP A 582 -1.91 29.42 -6.75
C TRP A 582 -2.44 28.09 -6.19
N TYR A 583 -3.24 28.13 -5.11
CA TYR A 583 -3.79 26.94 -4.44
C TYR A 583 -5.25 26.65 -4.77
N ASN A 584 -5.52 25.38 -5.19
CA ASN A 584 -6.85 24.85 -5.53
C ASN A 584 -7.22 23.99 -4.38
N GLN A 585 -8.14 24.47 -3.55
CA GLN A 585 -8.63 23.82 -2.32
C GLN A 585 -9.13 22.40 -2.49
N GLU A 586 -10.03 22.18 -3.45
CA GLU A 586 -10.70 20.89 -3.71
C GLU A 586 -9.74 19.78 -4.05
N TYR A 587 -8.83 20.04 -5.01
CA TYR A 587 -7.86 19.10 -5.56
C TYR A 587 -6.45 19.15 -4.96
N ALA A 588 -6.20 20.15 -4.10
CA ALA A 588 -4.93 20.33 -3.42
C ALA A 588 -3.76 20.42 -4.42
N ARG A 589 -3.86 21.41 -5.34
CA ARG A 589 -2.84 21.70 -6.34
C ARG A 589 -2.21 23.04 -6.05
N PHE A 590 -0.87 23.04 -5.89
CA PHE A 590 -0.11 24.27 -5.76
C PHE A 590 0.47 24.42 -7.12
N GLU A 591 0.09 25.48 -7.84
CA GLU A 591 0.56 25.70 -9.22
C GLU A 591 1.12 27.12 -9.49
N SER A 592 1.80 27.30 -10.63
CA SER A 592 2.40 28.56 -11.06
C SER A 592 1.33 29.61 -11.44
N PRO A 593 1.47 30.87 -10.90
CA PRO A 593 0.49 31.93 -11.23
C PRO A 593 0.21 32.12 -12.71
N PRO A 594 -1.10 32.22 -13.06
CA PRO A 594 -1.54 32.25 -14.46
C PRO A 594 -0.74 32.98 -15.52
N LYS A 595 -0.13 34.12 -15.15
CA LYS A 595 0.68 34.97 -16.04
C LYS A 595 0.04 35.41 -17.40
N THR A 596 -1.21 35.89 -17.30
CA THR A 596 -2.03 36.49 -18.34
C THR A 596 -2.03 37.97 -17.94
N GLN A 597 -1.59 38.88 -18.84
CA GLN A 597 -1.50 40.31 -18.53
C GLN A 597 -2.73 41.16 -18.91
N PRO A 598 -3.06 42.25 -18.14
CA PRO A 598 -4.28 43.03 -18.45
C PRO A 598 -4.36 43.74 -19.80
N THR A 599 -5.51 43.53 -20.50
CA THR A 599 -5.82 44.19 -21.77
C THR A 599 -6.27 45.60 -21.39
N GLU A 600 -6.26 46.57 -22.32
CA GLU A 600 -6.69 47.93 -21.99
C GLU A 600 -8.19 48.03 -21.74
N ASP A 601 -8.96 47.03 -22.22
CA ASP A 601 -10.42 46.94 -22.04
C ASP A 601 -10.81 46.57 -20.61
N ASN A 602 -9.91 45.86 -19.88
CA ASN A 602 -10.07 45.41 -18.48
C ASN A 602 -8.77 45.60 -17.66
N LYS A 603 -8.15 46.78 -17.77
CA LYS A 603 -6.93 47.14 -17.04
C LYS A 603 -7.28 47.66 -15.64
N HIS A 604 -8.56 47.94 -15.42
CA HIS A 604 -9.16 48.52 -14.21
C HIS A 604 -9.86 47.50 -13.31
N LYS A 605 -10.51 46.50 -13.94
CA LYS A 605 -11.37 45.44 -13.41
C LYS A 605 -10.62 44.11 -13.19
N PHE A 606 -9.34 44.03 -13.58
CA PHE A 606 -8.51 42.82 -13.59
C PHE A 606 -8.38 41.93 -12.32
N CYS A 607 -9.21 40.82 -12.27
CA CYS A 607 -9.23 39.77 -11.24
C CYS A 607 -8.99 38.40 -11.86
N LEU A 608 -7.83 37.79 -11.53
CA LEU A 608 -7.45 36.46 -12.01
C LEU A 608 -8.43 35.39 -11.60
N SER A 609 -9.08 35.53 -10.41
CA SER A 609 -10.10 34.62 -9.90
C SER A 609 -11.37 34.74 -10.72
N CYS A 610 -11.66 35.97 -11.20
CA CYS A 610 -12.82 36.22 -12.02
C CYS A 610 -12.60 35.63 -13.39
N ILE A 611 -11.37 35.77 -13.91
CA ILE A 611 -10.96 35.20 -15.19
C ILE A 611 -11.02 33.66 -15.12
N ARG A 612 -10.44 33.05 -14.05
CA ARG A 612 -10.47 31.60 -13.84
C ARG A 612 -11.91 31.08 -13.88
N LEU A 613 -12.81 31.70 -13.09
CA LEU A 613 -14.23 31.35 -13.01
C LEU A 613 -14.90 31.46 -14.36
N ALA A 614 -14.54 32.52 -15.14
CA ALA A 614 -15.11 32.76 -16.46
C ALA A 614 -14.85 31.58 -17.36
N GLU A 615 -13.56 31.28 -17.62
CA GLU A 615 -13.09 30.16 -18.45
C GLU A 615 -13.81 28.86 -18.12
N LEU A 616 -13.88 28.52 -16.81
CA LEU A 616 -14.50 27.32 -16.24
C LEU A 616 -15.99 27.23 -16.53
N ARG A 617 -16.72 28.35 -16.40
CA ARG A 617 -18.15 28.41 -16.68
C ARG A 617 -18.42 28.20 -18.19
N GLN A 618 -17.60 28.84 -19.05
CA GLN A 618 -17.72 28.74 -20.50
C GLN A 618 -17.28 27.39 -21.08
N LYS A 619 -16.40 26.65 -20.36
CA LYS A 619 -15.93 25.33 -20.77
C LYS A 619 -16.97 24.28 -20.43
N GLU A 620 -17.58 24.39 -19.23
CA GLU A 620 -18.62 23.49 -18.74
C GLU A 620 -19.87 23.60 -19.59
N MET A 621 -20.10 24.79 -20.15
CA MET A 621 -21.24 25.20 -20.96
C MET A 621 -21.55 24.33 -22.18
N PRO A 622 -22.80 23.82 -22.30
CA PRO A 622 -23.19 23.09 -23.51
C PRO A 622 -23.63 24.10 -24.60
N LYS A 623 -22.72 24.42 -25.52
CA LYS A 623 -23.00 25.39 -26.56
C LYS A 623 -23.10 24.73 -27.95
N VAL A 624 -23.89 25.36 -28.88
CA VAL A 624 -24.08 24.90 -30.26
C VAL A 624 -23.13 25.65 -31.16
N LEU A 625 -22.30 24.90 -31.92
CA LEU A 625 -21.31 25.49 -32.81
C LEU A 625 -21.87 25.89 -34.18
N GLU A 626 -22.47 24.93 -34.89
CA GLU A 626 -23.05 25.13 -36.22
C GLU A 626 -24.40 24.43 -36.31
N GLN A 627 -25.44 25.18 -36.72
CA GLN A 627 -26.80 24.67 -36.86
C GLN A 627 -27.25 24.61 -38.33
N ILE A 628 -28.03 23.55 -38.71
CA ILE A 628 -28.49 23.36 -40.10
C ILE A 628 -29.91 23.95 -40.38
N GLU A 629 -30.98 23.16 -40.15
CA GLU A 629 -32.37 23.55 -40.40
C GLU A 629 -33.28 22.95 -39.35
N GLU A 630 -34.30 23.70 -38.89
CA GLU A 630 -35.27 23.22 -37.89
C GLU A 630 -36.53 22.61 -38.53
N VAL A 631 -37.10 21.58 -37.90
CA VAL A 631 -38.32 20.92 -38.37
C VAL A 631 -39.49 21.49 -37.58
N ASP A 632 -39.52 21.23 -36.26
CA ASP A 632 -40.54 21.75 -35.36
C ASP A 632 -39.90 22.88 -34.55
N GLY A 633 -40.06 22.86 -33.24
CA GLY A 633 -39.43 23.82 -32.34
C GLY A 633 -38.12 23.27 -31.83
N ARG A 634 -37.48 22.38 -32.64
CA ARG A 634 -36.21 21.71 -32.38
C ARG A 634 -35.29 21.99 -33.56
N VAL A 635 -34.12 22.60 -33.29
CA VAL A 635 -33.11 22.99 -34.30
C VAL A 635 -32.08 21.87 -34.55
N TYR A 636 -32.00 21.34 -35.78
CA TYR A 636 -31.07 20.27 -36.14
C TYR A 636 -29.66 20.80 -36.47
N CYS A 637 -28.63 20.35 -35.69
CA CYS A 637 -27.23 20.81 -35.77
C CYS A 637 -26.21 19.85 -36.35
N SER A 638 -25.03 20.40 -36.71
CA SER A 638 -23.89 19.67 -37.24
C SER A 638 -22.70 19.61 -36.25
N SER A 639 -22.73 20.39 -35.12
CA SER A 639 -21.70 20.45 -34.06
C SER A 639 -22.09 21.21 -32.78
N ILE A 640 -21.68 20.64 -31.61
CA ILE A 640 -21.89 21.07 -30.22
C ILE A 640 -20.59 20.92 -29.40
N THR A 641 -20.53 21.43 -28.14
CA THR A 641 -19.36 21.34 -27.24
C THR A 641 -19.73 21.44 -25.75
N LYS A 642 -18.91 20.78 -24.91
CA LYS A 642 -18.92 20.78 -23.44
C LYS A 642 -17.59 20.19 -22.97
N ASN A 643 -17.16 20.55 -21.73
CA ASN A 643 -15.90 20.15 -21.08
C ASN A 643 -14.69 20.33 -22.00
N GLY A 644 -14.85 21.24 -22.98
CA GLY A 644 -13.85 21.61 -23.97
C GLY A 644 -13.66 20.57 -25.07
N VAL A 645 -14.65 19.70 -25.27
CA VAL A 645 -14.60 18.64 -26.27
C VAL A 645 -15.66 18.94 -27.30
N VAL A 646 -15.28 18.92 -28.59
CA VAL A 646 -16.17 19.19 -29.72
C VAL A 646 -16.82 17.90 -30.23
N TYR A 647 -18.16 17.91 -30.37
CA TYR A 647 -18.97 16.77 -30.82
C TYR A 647 -19.72 17.09 -32.14
N ARG A 648 -19.24 16.55 -33.27
CA ARG A 648 -19.86 16.73 -34.61
C ARG A 648 -20.76 15.52 -34.90
N LEU A 649 -21.46 15.49 -36.06
CA LEU A 649 -22.30 14.36 -36.47
C LEU A 649 -21.39 13.22 -36.95
N GLY A 650 -21.76 11.98 -36.65
CA GLY A 650 -20.97 10.83 -37.05
C GLY A 650 -19.82 10.49 -36.14
N ASP A 651 -19.52 11.38 -35.16
CA ASP A 651 -18.50 11.17 -34.13
C ASP A 651 -19.16 10.24 -33.09
N SER A 652 -18.39 9.38 -32.39
CA SER A 652 -18.97 8.47 -31.39
C SER A 652 -18.91 8.96 -29.92
N VAL A 653 -19.80 8.41 -29.08
CA VAL A 653 -19.95 8.87 -27.71
C VAL A 653 -20.06 7.79 -26.62
N TYR A 654 -19.59 8.13 -25.39
CA TYR A 654 -19.70 7.31 -24.19
C TYR A 654 -20.91 7.81 -23.40
N LEU A 655 -21.61 6.88 -22.73
CA LEU A 655 -22.80 7.15 -21.94
C LEU A 655 -22.91 6.15 -20.79
N PRO A 656 -23.60 6.49 -19.68
CA PRO A 656 -23.78 5.50 -18.61
C PRO A 656 -24.53 4.28 -19.09
N PRO A 657 -24.37 3.12 -18.44
CA PRO A 657 -25.13 1.93 -18.89
C PRO A 657 -26.68 2.05 -18.78
N GLU A 658 -27.17 3.04 -18.04
CA GLU A 658 -28.59 3.25 -17.83
C GLU A 658 -29.25 4.14 -18.86
N ALA A 659 -28.42 4.81 -19.73
CA ALA A 659 -28.81 5.70 -20.83
C ALA A 659 -29.77 5.02 -21.78
N PHE A 660 -29.44 3.82 -22.26
CA PHE A 660 -30.32 3.08 -23.14
C PHE A 660 -30.33 1.58 -22.84
N THR A 661 -31.08 0.80 -23.63
CA THR A 661 -31.24 -0.65 -23.45
C THR A 661 -31.07 -1.42 -24.77
N PHE A 662 -30.84 -2.74 -24.70
CA PHE A 662 -30.67 -3.58 -25.88
C PHE A 662 -31.91 -4.49 -26.03
N ASN A 663 -31.72 -5.81 -26.28
CA ASN A 663 -32.80 -6.79 -26.48
C ASN A 663 -32.62 -8.07 -25.63
N ILE A 664 -33.23 -8.03 -24.43
CA ILE A 664 -33.18 -8.96 -23.29
C ILE A 664 -33.18 -10.51 -23.49
N LYS A 665 -32.87 -11.22 -22.36
CA LYS A 665 -32.76 -12.67 -22.14
C LYS A 665 -33.38 -13.12 -20.77
N VAL A 666 -33.74 -14.44 -20.60
CA VAL A 666 -34.35 -15.04 -19.37
C VAL A 666 -33.29 -15.60 -18.40
N LYS A 674 -30.44 -23.09 -3.99
CA LYS A 674 -31.06 -24.34 -3.56
C LYS A 674 -29.96 -25.41 -3.38
N LYS A 675 -29.56 -25.68 -2.12
CA LYS A 675 -28.50 -26.66 -1.78
C LYS A 675 -28.97 -27.90 -0.95
N ASP A 676 -28.11 -28.95 -0.88
CA ASP A 676 -28.39 -30.17 -0.14
C ASP A 676 -27.34 -30.46 0.98
N PRO A 677 -27.72 -31.19 2.06
CA PRO A 677 -26.79 -31.43 3.19
C PRO A 677 -25.39 -31.96 2.90
N VAL A 678 -24.40 -31.41 3.65
CA VAL A 678 -22.96 -31.70 3.62
C VAL A 678 -22.66 -32.73 4.71
N ASN A 679 -21.73 -33.67 4.45
CA ASN A 679 -21.31 -34.66 5.42
C ASN A 679 -20.35 -33.97 6.35
N GLU A 680 -20.86 -33.57 7.53
CA GLU A 680 -20.12 -32.85 8.55
C GLU A 680 -19.04 -33.63 9.28
N THR A 681 -19.05 -34.97 9.18
CA THR A 681 -17.95 -35.76 9.77
C THR A 681 -16.72 -35.61 8.86
N LEU A 682 -16.97 -35.57 7.55
CA LEU A 682 -15.97 -35.40 6.50
C LEU A 682 -15.58 -33.97 6.26
N TYR A 683 -16.50 -33.02 6.39
CA TYR A 683 -16.19 -31.58 6.25
C TYR A 683 -16.68 -30.89 7.52
N PRO A 684 -15.93 -30.98 8.64
CA PRO A 684 -16.41 -30.42 9.90
C PRO A 684 -16.30 -28.90 9.99
N GLU A 685 -15.54 -28.29 9.09
CA GLU A 685 -15.32 -26.86 9.10
C GLU A 685 -16.15 -26.04 8.08
N HIS A 686 -16.89 -26.71 7.25
CA HIS A 686 -17.68 -26.07 6.25
C HIS A 686 -18.77 -25.20 6.84
N TYR A 687 -19.31 -25.50 8.04
CA TYR A 687 -20.38 -24.66 8.65
C TYR A 687 -20.00 -23.18 8.78
N ARG A 688 -18.67 -22.89 8.76
CA ARG A 688 -18.02 -21.59 8.88
C ARG A 688 -18.17 -20.76 7.60
N LYS A 689 -18.54 -21.40 6.48
CA LYS A 689 -18.76 -20.74 5.18
C LYS A 689 -19.86 -19.67 5.28
N TYR A 690 -20.90 -19.81 6.13
CA TYR A 690 -21.72 -18.63 6.36
C TYR A 690 -21.92 -18.16 7.80
N SER A 691 -20.91 -17.37 8.29
CA SER A 691 -20.76 -16.74 9.61
C SER A 691 -21.13 -17.64 10.78
N LEU A 699 -21.22 -5.69 -3.52
CA LEU A 699 -21.33 -4.97 -4.80
C LEU A 699 -20.13 -5.16 -5.74
N ASP A 700 -20.39 -5.75 -6.93
CA ASP A 700 -19.41 -6.07 -7.97
C ASP A 700 -19.11 -4.90 -8.88
N ALA A 701 -18.27 -5.13 -9.89
CA ALA A 701 -17.86 -4.11 -10.85
C ALA A 701 -19.03 -3.66 -11.72
N PRO A 702 -19.16 -2.35 -12.00
CA PRO A 702 -20.26 -1.89 -12.88
C PRO A 702 -20.03 -2.31 -14.33
N GLU A 703 -20.84 -1.79 -15.25
CA GLU A 703 -20.67 -2.08 -16.65
C GLU A 703 -19.83 -0.96 -17.25
N PRO A 704 -18.98 -1.23 -18.26
CA PRO A 704 -18.33 -0.10 -18.95
C PRO A 704 -19.39 0.70 -19.71
N TYR A 705 -19.02 1.92 -20.13
CA TYR A 705 -19.82 2.88 -20.89
C TYR A 705 -20.64 2.26 -22.03
N ARG A 706 -21.72 2.94 -22.43
CA ARG A 706 -22.50 2.53 -23.58
C ARG A 706 -21.83 3.22 -24.74
N ILE A 707 -21.91 2.69 -25.95
CA ILE A 707 -21.29 3.39 -27.08
C ILE A 707 -22.24 3.52 -28.26
N GLY A 708 -22.29 4.72 -28.83
CA GLY A 708 -23.14 5.05 -29.96
C GLY A 708 -22.54 6.10 -30.87
N ARG A 709 -22.86 6.01 -32.17
CA ARG A 709 -22.45 6.96 -33.22
C ARG A 709 -23.59 7.96 -33.42
N ILE A 710 -23.24 9.25 -33.52
CA ILE A 710 -24.21 10.37 -33.65
C ILE A 710 -24.91 10.34 -35.01
N LYS A 711 -26.28 10.30 -34.97
CA LYS A 711 -27.17 10.32 -36.14
C LYS A 711 -27.79 11.73 -36.32
N GLU A 712 -28.41 12.28 -35.25
CA GLU A 712 -29.02 13.60 -35.22
C GLU A 712 -28.62 14.36 -33.95
N ILE A 713 -28.55 15.71 -34.05
CA ILE A 713 -28.34 16.63 -32.92
C ILE A 713 -29.61 17.51 -32.98
N HIS A 714 -30.74 16.97 -32.46
CA HIS A 714 -32.06 17.56 -32.59
C HIS A 714 -32.43 18.81 -31.77
N CYS A 715 -31.98 18.96 -30.50
CA CYS A 715 -32.21 20.20 -29.71
C CYS A 715 -33.69 20.52 -29.25
N GLY A 716 -33.89 21.77 -28.77
CA GLY A 716 -35.11 22.41 -28.29
C GLY A 716 -35.02 23.91 -28.57
N LYS A 717 -35.98 24.73 -28.07
CA LYS A 717 -35.96 26.20 -28.32
C LYS A 717 -36.36 27.11 -27.15
N LYS A 718 -35.44 28.03 -26.74
CA LYS A 718 -35.66 28.97 -25.64
C LYS A 718 -36.12 30.31 -26.19
N LYS A 719 -37.46 30.45 -26.26
CA LYS A 719 -38.17 31.62 -26.75
C LYS A 719 -37.60 32.07 -28.10
N GLY A 720 -36.58 32.93 -28.06
CA GLY A 720 -35.91 33.42 -29.25
C GLY A 720 -35.07 32.36 -29.93
N LYS A 721 -33.87 32.12 -29.40
CA LYS A 721 -32.91 31.17 -29.95
C LYS A 721 -33.07 29.73 -29.39
N VAL A 722 -31.99 28.92 -29.49
CA VAL A 722 -31.94 27.53 -29.03
C VAL A 722 -31.86 27.41 -27.50
N ASN A 723 -32.46 26.34 -26.94
CA ASN A 723 -32.42 26.00 -25.51
C ASN A 723 -31.15 25.17 -25.34
N GLU A 724 -30.02 25.85 -25.06
CA GLU A 724 -28.68 25.24 -24.92
C GLU A 724 -28.65 24.04 -23.95
N ALA A 725 -29.58 24.02 -22.97
CA ALA A 725 -29.75 22.98 -21.96
C ALA A 725 -30.38 21.72 -22.56
N ASP A 726 -31.48 21.88 -23.31
CA ASP A 726 -32.15 20.73 -23.91
C ASP A 726 -31.62 20.36 -25.32
N ILE A 727 -30.33 19.98 -25.38
CA ILE A 727 -29.68 19.44 -26.59
C ILE A 727 -29.91 17.92 -26.45
N LYS A 728 -30.50 17.29 -27.46
CA LYS A 728 -30.74 15.86 -27.45
C LYS A 728 -29.96 15.20 -28.60
N LEU A 729 -29.71 13.88 -28.50
CA LEU A 729 -28.93 13.14 -29.51
C LEU A 729 -29.57 11.84 -29.90
N ARG A 730 -29.74 11.62 -31.22
CA ARG A 730 -30.26 10.36 -31.77
C ARG A 730 -29.02 9.60 -32.17
N LEU A 731 -28.87 8.35 -31.70
CA LEU A 731 -27.66 7.56 -31.94
C LEU A 731 -27.88 6.12 -32.41
N TYR A 732 -26.90 5.58 -33.16
CA TYR A 732 -26.89 4.19 -33.61
C TYR A 732 -26.19 3.40 -32.50
N LYS A 733 -26.85 2.37 -31.94
CA LYS A 733 -26.35 1.54 -30.83
C LYS A 733 -25.22 0.62 -31.22
N PHE A 734 -24.13 0.61 -30.45
CA PHE A 734 -23.05 -0.35 -30.67
C PHE A 734 -23.14 -1.39 -29.55
N TYR A 735 -22.95 -2.66 -29.91
CA TYR A 735 -22.94 -3.75 -28.94
C TYR A 735 -21.50 -4.10 -28.63
N ARG A 736 -21.26 -4.50 -27.38
CA ARG A 736 -19.97 -5.04 -26.98
C ARG A 736 -20.20 -6.56 -27.15
N PRO A 737 -19.20 -7.38 -27.52
CA PRO A 737 -19.49 -8.82 -27.70
C PRO A 737 -20.28 -9.47 -26.55
N GLU A 738 -20.14 -8.92 -25.34
CA GLU A 738 -20.80 -9.38 -24.11
C GLU A 738 -22.25 -8.95 -24.04
N ASN A 739 -22.60 -7.83 -24.70
CA ASN A 739 -23.96 -7.29 -24.73
C ASN A 739 -24.84 -8.21 -25.58
N THR A 740 -24.24 -8.77 -26.64
CA THR A 740 -24.74 -9.73 -27.62
C THR A 740 -25.12 -11.03 -26.94
N HIS A 741 -25.91 -11.91 -27.62
CA HIS A 741 -26.29 -13.25 -27.15
C HIS A 741 -25.05 -14.11 -26.71
N ARG A 742 -23.84 -13.65 -27.08
CA ARG A 742 -22.57 -14.27 -26.72
C ARG A 742 -22.35 -14.16 -25.22
N SER A 743 -22.68 -12.98 -24.62
CA SER A 743 -22.53 -12.64 -23.20
C SER A 743 -21.09 -12.90 -22.69
N TYR A 744 -20.93 -13.57 -21.51
CA TYR A 744 -19.66 -13.94 -20.87
C TYR A 744 -18.68 -14.67 -21.81
N ASN A 745 -19.21 -15.36 -22.86
CA ASN A 745 -18.40 -16.07 -23.87
C ASN A 745 -17.84 -15.17 -24.96
N GLY A 746 -18.37 -13.95 -25.04
CA GLY A 746 -17.88 -12.92 -25.93
C GLY A 746 -16.59 -12.38 -25.36
N SER A 747 -16.68 -11.88 -24.12
CA SER A 747 -15.62 -11.27 -23.32
C SER A 747 -14.26 -12.00 -23.12
N TYR A 748 -14.09 -13.26 -23.60
CA TYR A 748 -12.83 -13.93 -23.31
C TYR A 748 -11.69 -13.61 -24.26
N HIS A 749 -11.73 -14.22 -25.44
CA HIS A 749 -10.72 -14.09 -26.47
C HIS A 749 -10.80 -12.80 -27.29
N THR A 750 -11.91 -12.09 -27.17
CA THR A 750 -12.22 -10.84 -27.85
C THR A 750 -11.28 -9.68 -27.49
N ASP A 751 -10.93 -8.83 -28.48
CA ASP A 751 -10.14 -7.63 -28.24
C ASP A 751 -11.00 -6.66 -27.43
N ILE A 752 -10.48 -6.16 -26.30
CA ILE A 752 -11.17 -5.25 -25.38
C ILE A 752 -11.72 -4.04 -26.09
N ASN A 753 -11.15 -3.78 -27.28
CA ASN A 753 -11.28 -2.72 -28.27
C ASN A 753 -12.48 -2.86 -29.20
N MET A 754 -12.87 -4.10 -29.53
CA MET A 754 -13.92 -4.48 -30.47
C MET A 754 -15.36 -4.22 -30.05
N LEU A 755 -16.16 -3.79 -31.04
CA LEU A 755 -17.61 -3.55 -30.95
C LEU A 755 -18.30 -4.21 -32.14
N TYR A 756 -19.63 -4.16 -32.14
CA TYR A 756 -20.47 -4.65 -33.24
C TYR A 756 -21.43 -3.54 -33.61
N TRP A 757 -21.75 -3.42 -34.92
CA TRP A 757 -22.68 -2.42 -35.43
C TRP A 757 -24.14 -2.89 -35.24
N SER A 758 -25.05 -1.97 -34.93
CA SER A 758 -26.47 -2.30 -34.81
C SER A 758 -27.30 -1.12 -35.32
N ASP A 759 -28.19 -1.39 -36.29
CA ASP A 759 -29.09 -0.38 -36.88
C ASP A 759 -30.10 0.17 -35.84
N GLU A 760 -30.06 -0.36 -34.59
CA GLU A 760 -30.88 0.03 -33.44
C GLU A 760 -30.63 1.50 -33.12
N GLU A 761 -31.68 2.22 -32.74
CA GLU A 761 -31.53 3.64 -32.46
C GLU A 761 -31.92 4.06 -31.03
N ALA A 762 -31.32 5.17 -30.55
CA ALA A 762 -31.54 5.67 -29.20
C ALA A 762 -31.44 7.19 -29.10
N VAL A 763 -32.26 7.78 -28.22
CA VAL A 763 -32.30 9.21 -27.92
C VAL A 763 -31.96 9.42 -26.45
N VAL A 764 -30.89 10.17 -26.23
CA VAL A 764 -30.39 10.55 -24.91
C VAL A 764 -29.97 12.05 -24.88
N ASN A 765 -29.85 12.62 -23.66
CA ASN A 765 -29.47 14.01 -23.50
C ASN A 765 -27.97 14.18 -23.57
N PHE A 766 -27.55 15.35 -24.08
CA PHE A 766 -26.14 15.72 -24.19
C PHE A 766 -25.47 15.76 -22.82
N SER A 767 -26.28 15.96 -21.75
CA SER A 767 -25.82 16.00 -20.36
C SER A 767 -25.33 14.62 -19.87
N ASP A 768 -25.73 13.55 -20.56
CA ASP A 768 -25.36 12.18 -20.21
C ASP A 768 -24.12 11.67 -20.95
N VAL A 769 -23.68 12.41 -21.97
CA VAL A 769 -22.49 12.10 -22.74
C VAL A 769 -21.29 12.20 -21.80
N GLN A 770 -20.47 11.15 -21.76
CA GLN A 770 -19.30 11.07 -20.90
C GLN A 770 -18.04 11.51 -21.57
N GLY A 771 -18.03 11.43 -22.88
CA GLY A 771 -16.88 11.84 -23.67
C GLY A 771 -17.01 11.41 -25.10
N ARG A 772 -15.93 11.54 -25.84
CA ARG A 772 -15.92 11.19 -27.24
C ARG A 772 -15.02 10.00 -27.41
N CYS A 773 -15.26 9.21 -28.46
CA CYS A 773 -14.44 8.04 -28.77
C CYS A 773 -14.50 7.75 -30.24
N THR A 774 -13.44 7.15 -30.76
CA THR A 774 -13.32 6.83 -32.16
C THR A 774 -13.70 5.38 -32.41
N VAL A 775 -14.83 5.17 -33.10
CA VAL A 775 -15.26 3.84 -33.51
C VAL A 775 -15.12 3.83 -35.03
N GLU A 776 -14.20 3.02 -35.55
CA GLU A 776 -13.92 2.96 -36.98
C GLU A 776 -14.14 1.56 -37.54
N TYR A 777 -14.32 1.44 -38.86
CA TYR A 777 -14.49 0.17 -39.53
C TYR A 777 -13.11 -0.40 -39.86
N GLY A 778 -12.90 -1.68 -39.52
CA GLY A 778 -11.65 -2.39 -39.71
C GLY A 778 -11.22 -2.59 -41.14
N GLU A 779 -12.19 -2.73 -42.06
CA GLU A 779 -11.86 -2.90 -43.48
C GLU A 779 -11.57 -1.55 -44.17
N ASP A 780 -12.09 -0.42 -43.62
CA ASP A 780 -11.82 0.92 -44.13
C ASP A 780 -10.71 1.62 -43.29
N LEU A 781 -9.64 0.86 -43.03
CA LEU A 781 -8.50 1.29 -42.23
C LEU A 781 -7.22 1.08 -43.03
N LEU A 782 -6.33 2.09 -43.04
CA LEU A 782 -5.06 2.03 -43.77
C LEU A 782 -3.96 1.20 -43.08
N GLU A 783 -4.04 1.08 -41.75
CA GLU A 783 -3.10 0.32 -40.92
C GLU A 783 -3.78 -0.93 -40.36
N SER A 784 -2.99 -1.84 -39.71
CA SER A 784 -3.55 -3.03 -39.06
C SER A 784 -4.28 -2.61 -37.78
N ILE A 785 -5.31 -3.37 -37.38
CA ILE A 785 -6.10 -3.05 -36.18
C ILE A 785 -5.16 -2.78 -34.98
N GLN A 786 -4.12 -3.63 -34.80
CA GLN A 786 -3.14 -3.49 -33.72
C GLN A 786 -2.44 -2.12 -33.74
N ASP A 787 -2.00 -1.68 -34.95
CA ASP A 787 -1.35 -0.37 -35.18
C ASP A 787 -2.33 0.74 -34.85
N TYR A 788 -3.61 0.60 -35.27
CA TYR A 788 -4.68 1.56 -35.03
C TYR A 788 -4.97 1.71 -33.54
N SER A 789 -5.29 0.56 -32.86
CA SER A 789 -5.69 0.46 -31.45
C SER A 789 -4.68 1.06 -30.54
N GLN A 790 -3.38 0.83 -30.81
CA GLN A 790 -2.34 1.38 -29.97
C GLN A 790 -2.08 2.86 -30.23
N GLY A 791 -2.46 3.32 -31.42
CA GLY A 791 -2.27 4.68 -31.91
C GLY A 791 -2.70 5.84 -31.04
N GLY A 792 -3.68 5.62 -30.17
CA GLY A 792 -4.21 6.68 -29.31
C GLY A 792 -5.38 6.26 -28.45
N PRO A 793 -5.81 7.11 -27.50
CA PRO A 793 -6.90 6.73 -26.59
C PRO A 793 -8.30 6.76 -27.19
N ASP A 794 -9.23 5.99 -26.56
CA ASP A 794 -10.65 5.87 -26.89
C ASP A 794 -10.92 5.29 -28.28
N ARG A 795 -9.98 4.48 -28.79
CA ARG A 795 -10.08 3.85 -30.10
C ARG A 795 -10.75 2.46 -30.05
N PHE A 796 -11.94 2.33 -30.67
CA PHE A 796 -12.73 1.10 -30.78
C PHE A 796 -12.88 0.73 -32.26
N TYR A 797 -13.26 -0.53 -32.56
CA TYR A 797 -13.42 -0.97 -33.96
C TYR A 797 -14.51 -2.01 -34.17
N PHE A 798 -15.03 -2.13 -35.41
CA PHE A 798 -16.05 -3.12 -35.78
C PHE A 798 -15.77 -3.66 -37.16
N LEU A 799 -16.11 -4.92 -37.39
CA LEU A 799 -15.92 -5.56 -38.70
C LEU A 799 -17.19 -6.26 -39.12
N GLU A 800 -18.12 -6.39 -38.18
CA GLU A 800 -19.39 -7.03 -38.42
C GLU A 800 -20.44 -6.21 -37.74
N ALA A 801 -21.69 -6.53 -38.06
CA ALA A 801 -22.89 -5.95 -37.49
C ALA A 801 -23.66 -7.08 -36.84
N TYR A 802 -24.59 -6.75 -35.96
CA TYR A 802 -25.36 -7.78 -35.29
C TYR A 802 -26.86 -7.50 -35.30
N ASN A 803 -27.64 -8.49 -35.77
CA ASN A 803 -29.10 -8.39 -35.74
C ASN A 803 -29.56 -9.17 -34.53
N SER A 804 -30.15 -8.42 -33.59
CA SER A 804 -30.62 -8.89 -32.31
C SER A 804 -31.74 -9.92 -32.46
N LYS A 805 -32.67 -9.68 -33.43
CA LYS A 805 -33.82 -10.53 -33.75
C LYS A 805 -33.38 -11.91 -34.26
N THR A 806 -32.59 -11.96 -35.36
CA THR A 806 -32.07 -13.19 -35.95
C THR A 806 -30.89 -13.84 -35.18
N LYS A 807 -30.19 -13.06 -34.30
CA LYS A 807 -29.01 -13.51 -33.53
C LYS A 807 -27.87 -13.91 -34.49
N ASN A 808 -27.74 -13.17 -35.60
CA ASN A 808 -26.75 -13.38 -36.65
C ASN A 808 -25.82 -12.20 -36.88
N PHE A 809 -24.61 -12.50 -37.40
CA PHE A 809 -23.58 -11.51 -37.69
C PHE A 809 -23.41 -11.32 -39.19
N GLU A 810 -24.05 -10.26 -39.71
CA GLU A 810 -24.00 -9.89 -41.13
C GLU A 810 -22.95 -8.78 -41.28
N ASP A 811 -22.43 -8.59 -42.50
CA ASP A 811 -21.50 -7.51 -42.81
C ASP A 811 -22.17 -6.13 -42.56
N PRO A 812 -21.41 -5.09 -42.16
CA PRO A 812 -22.06 -3.81 -41.86
C PRO A 812 -22.56 -3.03 -43.08
N PRO A 813 -23.59 -2.13 -42.91
CA PRO A 813 -24.09 -1.35 -44.05
C PRO A 813 -23.11 -0.33 -44.61
N ASN A 814 -23.48 0.33 -45.71
CA ASN A 814 -22.62 1.30 -46.37
C ASN A 814 -22.50 2.65 -45.63
N HIS A 815 -23.57 3.10 -44.98
CA HIS A 815 -23.57 4.36 -44.21
C HIS A 815 -22.69 4.33 -42.94
N ALA A 816 -22.27 3.11 -42.49
CA ALA A 816 -21.38 2.92 -41.35
C ALA A 816 -19.91 3.22 -41.71
N ARG A 817 -19.57 3.14 -43.00
CA ARG A 817 -18.24 3.37 -43.57
C ARG A 817 -17.96 4.90 -43.79
N SER A 818 -16.86 5.24 -44.53
CA SER A 818 -16.47 6.62 -44.88
C SER A 818 -16.31 6.88 -46.40
N LYS A 848 8.30 16.11 -32.62
CA LYS A 848 8.60 14.88 -31.89
C LYS A 848 8.45 15.03 -30.35
N LEU A 849 8.06 13.92 -29.62
CA LEU A 849 7.87 13.89 -28.16
C LEU A 849 9.20 13.79 -27.38
N PRO A 850 9.48 14.75 -26.46
CA PRO A 850 10.75 14.71 -25.74
C PRO A 850 10.79 13.65 -24.66
N LYS A 851 11.82 12.80 -24.71
CA LYS A 851 12.05 11.76 -23.74
C LYS A 851 12.90 12.34 -22.61
N LEU A 852 12.25 12.77 -21.50
CA LEU A 852 12.90 13.33 -20.31
C LEU A 852 14.02 12.39 -19.84
N ARG A 853 15.20 12.93 -19.49
CA ARG A 853 16.33 12.13 -19.00
C ARG A 853 16.11 11.88 -17.51
N THR A 854 15.80 10.59 -17.16
CA THR A 854 15.35 10.08 -15.86
C THR A 854 16.40 9.37 -14.99
N LEU A 855 16.33 9.62 -13.66
CA LEU A 855 17.04 9.00 -12.54
C LEU A 855 15.93 8.43 -11.69
N ASP A 856 15.98 7.10 -11.47
CA ASP A 856 15.00 6.32 -10.72
C ASP A 856 15.64 5.81 -9.46
N VAL A 857 15.47 6.51 -8.32
CA VAL A 857 16.01 6.09 -7.03
C VAL A 857 15.09 5.04 -6.46
N PHE A 858 15.64 3.98 -5.81
CA PHE A 858 14.89 2.84 -5.26
C PHE A 858 14.20 2.17 -6.44
N SER A 859 14.94 2.02 -7.55
CA SER A 859 14.43 1.53 -8.82
C SER A 859 13.72 0.21 -8.86
N GLY A 860 14.22 -0.76 -8.09
CA GLY A 860 13.80 -2.16 -8.09
C GLY A 860 14.23 -2.79 -9.39
N CYS A 861 13.40 -3.67 -9.96
CA CYS A 861 13.66 -4.32 -11.24
C CYS A 861 13.26 -3.43 -12.45
N GLY A 862 12.63 -2.27 -12.16
CA GLY A 862 12.28 -1.25 -13.14
C GLY A 862 10.85 -1.12 -13.63
N GLY A 863 9.88 -1.48 -12.81
CA GLY A 863 8.46 -1.43 -13.16
C GLY A 863 7.97 -0.06 -13.52
N LEU A 864 8.29 0.94 -12.68
CA LEU A 864 7.94 2.33 -12.89
C LEU A 864 8.66 2.86 -14.14
N SER A 865 9.97 2.49 -14.30
CA SER A 865 10.77 2.88 -15.47
C SER A 865 10.19 2.29 -16.74
N GLU A 866 9.66 1.07 -16.65
CA GLU A 866 9.04 0.41 -17.76
C GLU A 866 7.81 1.10 -18.29
N GLY A 867 6.87 1.43 -17.42
CA GLY A 867 5.63 2.11 -17.81
C GLY A 867 5.90 3.46 -18.44
N PHE A 868 6.75 4.27 -17.77
CA PHE A 868 7.23 5.54 -18.26
C PHE A 868 7.92 5.37 -19.62
N HIS A 869 8.64 4.25 -19.86
CA HIS A 869 9.26 3.99 -21.16
C HIS A 869 8.18 3.75 -22.21
N GLN A 870 7.14 3.01 -21.86
CA GLN A 870 6.02 2.73 -22.74
C GLN A 870 5.22 4.00 -23.10
N ALA A 871 5.10 4.94 -22.16
CA ALA A 871 4.38 6.19 -22.41
C ALA A 871 5.18 7.16 -23.33
N GLY A 872 6.46 6.84 -23.57
CA GLY A 872 7.39 7.56 -24.45
C GLY A 872 7.99 8.84 -23.90
N ILE A 873 7.60 9.19 -22.71
CA ILE A 873 8.01 10.41 -22.05
C ILE A 873 9.41 10.36 -21.46
N SER A 874 10.09 9.20 -21.49
CA SER A 874 11.38 9.13 -20.80
C SER A 874 12.43 8.19 -21.31
N GLU A 875 13.60 8.28 -20.66
CA GLU A 875 14.82 7.50 -20.81
C GLU A 875 15.47 7.44 -19.44
N THR A 876 15.63 6.23 -18.87
CA THR A 876 16.28 6.05 -17.57
C THR A 876 17.78 5.79 -17.81
N LEU A 877 18.59 6.80 -17.53
CA LEU A 877 20.03 6.75 -17.69
C LEU A 877 20.70 6.46 -16.36
N TRP A 878 20.03 6.72 -15.25
CA TRP A 878 20.57 6.44 -13.91
C TRP A 878 19.50 5.82 -13.01
N ALA A 879 19.89 4.80 -12.25
CA ALA A 879 19.05 4.13 -11.28
C ALA A 879 19.87 3.85 -10.04
N ILE A 880 19.24 3.91 -8.88
CA ILE A 880 19.87 3.55 -7.60
C ILE A 880 19.02 2.44 -6.92
N GLU A 881 19.65 1.28 -6.65
CA GLU A 881 19.02 0.12 -6.02
C GLU A 881 20.08 -0.67 -5.28
N MET A 882 20.03 -0.61 -3.95
CA MET A 882 20.97 -1.24 -3.04
C MET A 882 20.97 -2.76 -3.02
N TRP A 883 19.86 -3.42 -3.40
CA TRP A 883 19.73 -4.87 -3.38
C TRP A 883 20.20 -5.48 -4.70
N ASP A 884 21.35 -6.17 -4.67
CA ASP A 884 21.96 -6.77 -5.86
C ASP A 884 21.03 -7.51 -6.85
N PRO A 885 20.18 -8.49 -6.45
CA PRO A 885 19.31 -9.16 -7.45
C PRO A 885 18.38 -8.22 -8.22
N ALA A 886 17.91 -7.12 -7.59
CA ALA A 886 17.04 -6.14 -8.24
C ALA A 886 17.84 -5.28 -9.22
N ALA A 887 18.96 -4.69 -8.76
CA ALA A 887 19.88 -3.88 -9.60
C ALA A 887 20.34 -4.67 -10.82
N GLN A 888 20.58 -6.00 -10.65
CA GLN A 888 20.98 -6.90 -11.72
C GLN A 888 19.85 -7.06 -12.70
N ALA A 889 18.61 -7.25 -12.20
CA ALA A 889 17.42 -7.40 -13.04
C ALA A 889 17.12 -6.10 -13.82
N PHE A 890 17.41 -4.93 -13.23
CA PHE A 890 17.22 -3.65 -13.90
C PHE A 890 18.20 -3.54 -15.03
N ARG A 891 19.48 -3.95 -14.80
CA ARG A 891 20.52 -3.92 -15.83
C ARG A 891 20.05 -4.72 -17.04
N LEU A 892 19.65 -5.99 -16.83
CA LEU A 892 19.16 -6.89 -17.88
C LEU A 892 18.17 -6.23 -18.82
N ASN A 893 17.15 -5.52 -18.26
CA ASN A 893 16.07 -4.80 -18.95
C ASN A 893 16.42 -3.39 -19.45
N ASN A 894 17.41 -2.72 -18.85
CA ASN A 894 17.84 -1.40 -19.33
C ASN A 894 19.37 -1.29 -19.51
N PRO A 895 19.88 -1.72 -20.70
CA PRO A 895 21.33 -1.67 -20.97
C PRO A 895 21.98 -0.26 -20.96
N GLY A 896 21.21 0.75 -21.35
CA GLY A 896 21.67 2.13 -21.38
C GLY A 896 21.86 2.78 -20.03
N THR A 897 21.25 2.22 -19.00
CA THR A 897 21.28 2.78 -17.65
C THR A 897 22.54 2.50 -16.89
N THR A 898 22.98 3.49 -16.10
CA THR A 898 24.07 3.35 -15.16
C THR A 898 23.35 2.96 -13.84
N VAL A 899 23.46 1.68 -13.44
CA VAL A 899 22.77 1.19 -12.25
C VAL A 899 23.69 1.20 -11.03
N PHE A 900 23.58 2.22 -10.17
CA PHE A 900 24.39 2.33 -8.95
C PHE A 900 23.77 1.50 -7.85
N THR A 901 24.60 0.82 -7.04
CA THR A 901 24.13 0.00 -5.93
C THR A 901 24.58 0.54 -4.58
N GLU A 902 25.16 1.75 -4.55
CA GLU A 902 25.61 2.35 -3.28
C GLU A 902 24.42 3.06 -2.64
N ASP A 903 24.46 3.25 -1.29
CA ASP A 903 23.40 3.95 -0.56
C ASP A 903 23.22 5.33 -1.20
N CYS A 904 21.97 5.74 -1.49
CA CYS A 904 21.77 7.03 -2.15
C CYS A 904 22.32 8.21 -1.36
N ASN A 905 22.44 8.09 -0.02
CA ASN A 905 23.04 9.11 0.86
C ASN A 905 24.52 9.34 0.52
N VAL A 906 25.26 8.27 0.15
CA VAL A 906 26.67 8.41 -0.23
C VAL A 906 26.83 9.04 -1.59
N LEU A 907 26.08 8.55 -2.62
CA LEU A 907 26.11 9.08 -3.98
C LEU A 907 25.76 10.56 -4.01
N LEU A 908 24.94 11.05 -3.05
CA LEU A 908 24.58 12.47 -2.92
C LEU A 908 25.77 13.28 -2.35
N LYS A 909 26.38 12.81 -1.22
CA LYS A 909 27.56 13.42 -0.59
C LYS A 909 28.70 13.50 -1.63
N LEU A 910 28.74 12.51 -2.54
CA LEU A 910 29.72 12.46 -3.62
C LEU A 910 29.50 13.50 -4.70
N VAL A 911 28.25 13.80 -5.08
CA VAL A 911 27.99 14.84 -6.09
C VAL A 911 28.19 16.23 -5.44
N MET A 912 27.79 16.34 -4.15
CA MET A 912 27.94 17.53 -3.29
C MET A 912 29.38 17.52 -2.75
N ALA A 913 30.36 17.46 -3.68
CA ALA A 913 31.80 17.37 -3.43
C ALA A 913 32.54 17.48 -4.77
N GLY A 914 31.77 17.53 -5.87
CA GLY A 914 32.30 17.67 -7.22
C GLY A 914 32.82 16.40 -7.89
N GLU A 915 32.70 15.22 -7.22
CA GLU A 915 33.14 13.92 -7.78
C GLU A 915 32.36 13.63 -9.03
N VAL A 916 33.07 13.28 -10.10
CA VAL A 916 32.41 13.05 -11.38
C VAL A 916 32.13 11.55 -11.60
N THR A 917 32.72 10.73 -10.71
CA THR A 917 32.69 9.29 -10.77
C THR A 917 32.63 8.64 -9.35
N ASN A 918 32.03 7.46 -9.23
CA ASN A 918 31.94 6.77 -7.94
C ASN A 918 33.23 5.94 -7.70
N SER A 919 33.09 4.82 -6.97
CA SER A 919 34.10 3.82 -6.70
C SER A 919 34.46 3.06 -8.01
N LEU A 920 33.52 2.29 -8.57
CA LEU A 920 33.66 1.50 -9.80
C LEU A 920 33.94 2.37 -11.02
N GLY A 921 33.99 3.68 -10.83
CA GLY A 921 34.19 4.61 -11.94
C GLY A 921 32.95 4.75 -12.80
N GLN A 922 31.78 4.68 -12.17
CA GLN A 922 30.50 4.86 -12.84
C GLN A 922 30.27 6.40 -12.80
N ARG A 923 29.97 7.02 -13.97
CA ARG A 923 29.77 8.47 -14.15
C ARG A 923 28.54 9.08 -13.45
N LEU A 924 28.79 9.78 -12.33
CA LEU A 924 27.77 10.40 -11.49
C LEU A 924 26.94 11.47 -12.22
N PRO A 925 25.60 11.51 -12.05
CA PRO A 925 24.81 12.55 -12.73
C PRO A 925 25.00 13.89 -12.02
N GLN A 926 25.02 14.98 -12.78
CA GLN A 926 25.21 16.32 -12.25
C GLN A 926 23.99 17.21 -12.60
N LYS A 927 23.93 18.45 -12.05
CA LYS A 927 22.86 19.41 -12.31
C LYS A 927 22.72 19.55 -13.82
N GLY A 928 21.50 19.36 -14.31
CA GLY A 928 21.20 19.46 -15.73
C GLY A 928 21.04 18.12 -16.43
N ASP A 929 21.71 17.07 -15.89
CA ASP A 929 21.63 15.74 -16.47
C ASP A 929 20.21 15.16 -16.29
N VAL A 930 19.70 15.23 -15.05
CA VAL A 930 18.38 14.73 -14.66
C VAL A 930 17.25 15.74 -14.97
N GLU A 931 16.32 15.35 -15.87
CA GLU A 931 15.15 16.11 -16.28
C GLU A 931 13.94 15.68 -15.41
N MET A 932 13.84 14.38 -15.09
CA MET A 932 12.78 13.81 -14.25
C MET A 932 13.36 12.89 -13.15
N LEU A 933 12.88 13.06 -11.91
CA LEU A 933 13.30 12.29 -10.75
C LEU A 933 12.12 11.58 -10.16
N CYS A 934 12.20 10.24 -10.11
CA CYS A 934 11.16 9.35 -9.58
C CYS A 934 11.76 8.33 -8.62
N GLY A 935 10.92 7.70 -7.82
CA GLY A 935 11.35 6.74 -6.81
C GLY A 935 10.32 6.43 -5.74
N GLY A 936 10.44 5.23 -5.14
CA GLY A 936 9.58 4.74 -4.07
C GLY A 936 10.32 4.61 -2.75
N PRO A 937 10.47 5.71 -1.98
CA PRO A 937 11.24 5.61 -0.72
C PRO A 937 10.61 4.76 0.38
N PRO A 938 11.33 3.78 0.95
CA PRO A 938 10.75 2.99 2.07
C PRO A 938 10.53 3.86 3.32
N CYS A 939 9.47 3.54 4.09
CA CYS A 939 9.07 4.32 5.26
C CYS A 939 9.18 3.50 6.50
N GLN A 940 10.38 2.96 6.70
CA GLN A 940 10.78 2.01 7.71
C GLN A 940 10.28 2.14 9.15
N GLY A 941 10.83 3.07 9.92
CA GLY A 941 10.48 3.19 11.33
C GLY A 941 9.39 4.15 11.76
N PHE A 942 8.58 4.64 10.83
CA PHE A 942 7.57 5.64 11.19
C PHE A 942 6.19 5.38 10.59
N SER A 943 6.10 4.34 9.74
CA SER A 943 4.87 3.91 9.09
C SER A 943 3.83 3.49 10.17
N GLY A 944 2.94 4.42 10.49
CA GLY A 944 1.89 4.25 11.50
C GLY A 944 1.02 5.48 11.53
N MET A 945 -0.20 5.36 12.02
CA MET A 945 -1.19 6.44 11.97
C MET A 945 -1.28 7.49 13.12
N ASN A 946 -0.79 7.14 14.32
CA ASN A 946 -0.79 8.01 15.50
C ASN A 946 0.11 9.24 15.30
N ARG A 947 -0.03 10.25 16.18
CA ARG A 947 0.78 11.47 16.17
C ARG A 947 2.23 11.12 16.42
N PHE A 948 3.16 11.94 15.89
CA PHE A 948 4.61 11.80 16.05
C PHE A 948 5.05 11.81 17.53
N ASN A 949 6.24 11.25 17.78
CA ASN A 949 6.93 11.12 19.07
C ASN A 949 8.32 11.70 18.89
N SER A 950 9.17 11.47 19.90
CA SER A 950 10.57 11.76 19.78
C SER A 950 11.11 10.61 18.91
N ARG A 951 10.66 9.35 19.24
CA ARG A 951 11.00 8.10 18.55
C ARG A 951 10.68 8.10 17.05
N THR A 952 9.40 8.37 16.67
CA THR A 952 8.98 8.34 15.27
C THR A 952 9.51 9.47 14.39
N TYR A 953 9.68 10.67 14.97
CA TYR A 953 10.21 11.80 14.23
C TYR A 953 11.64 11.53 13.87
N SER A 954 12.44 11.11 14.86
CA SER A 954 13.85 10.73 14.72
C SER A 954 14.08 9.93 13.44
N LYS A 955 13.30 8.84 13.26
CA LYS A 955 13.33 7.98 12.08
C LYS A 955 13.04 8.81 10.84
N PHE A 956 11.87 9.46 10.78
CA PHE A 956 11.45 10.28 9.65
C PHE A 956 12.46 11.37 9.27
N LYS A 957 13.03 12.06 10.26
CA LYS A 957 14.00 13.15 10.06
C LYS A 957 15.18 12.74 9.18
N ASN A 958 15.67 11.50 9.33
CA ASN A 958 16.81 10.99 8.53
C ASN A 958 16.45 9.90 7.50
N SER A 959 15.15 9.70 7.30
CA SER A 959 14.56 8.72 6.40
C SER A 959 14.96 8.92 4.94
N LEU A 960 14.60 7.96 4.10
CA LEU A 960 14.90 7.99 2.67
C LEU A 960 13.97 8.93 1.96
N VAL A 961 12.87 9.35 2.64
CA VAL A 961 11.90 10.34 2.16
C VAL A 961 12.68 11.66 2.14
N VAL A 962 13.39 11.96 3.25
CA VAL A 962 14.25 13.13 3.45
C VAL A 962 15.42 13.14 2.47
N SER A 963 16.04 11.98 2.24
CA SER A 963 17.13 11.82 1.28
C SER A 963 16.58 12.04 -0.13
N PHE A 964 15.39 11.49 -0.43
CA PHE A 964 14.76 11.63 -1.74
C PHE A 964 14.43 13.08 -2.10
N LEU A 965 13.85 13.82 -1.13
CA LEU A 965 13.50 15.25 -1.24
C LEU A 965 14.74 16.09 -1.49
N SER A 966 15.88 15.68 -0.89
CA SER A 966 17.16 16.36 -1.02
C SER A 966 17.65 16.19 -2.46
N TYR A 967 17.57 14.96 -3.03
CA TYR A 967 17.93 14.70 -4.43
C TYR A 967 17.18 15.66 -5.35
N CYS A 968 15.92 15.92 -5.02
CA CYS A 968 15.03 16.82 -5.74
C CYS A 968 15.48 18.26 -5.62
N ASP A 969 15.94 18.65 -4.40
CA ASP A 969 16.41 20.01 -4.15
C ASP A 969 17.71 20.31 -4.89
N TYR A 970 18.74 19.44 -4.80
CA TYR A 970 19.99 19.64 -5.50
C TYR A 970 19.76 19.58 -7.01
N TYR A 971 19.23 18.48 -7.54
CA TYR A 971 19.09 18.33 -8.98
C TYR A 971 18.15 19.25 -9.66
N ARG A 972 17.12 19.77 -8.92
CA ARG A 972 16.05 20.64 -9.44
C ARG A 972 15.50 20.09 -10.76
N PRO A 973 14.96 18.86 -10.79
CA PRO A 973 14.44 18.32 -12.06
C PRO A 973 13.18 19.02 -12.54
N ARG A 974 12.86 18.95 -13.85
CA ARG A 974 11.65 19.53 -14.45
C ARG A 974 10.34 18.81 -13.94
N PHE A 975 10.45 17.48 -13.67
CA PHE A 975 9.36 16.63 -13.20
C PHE A 975 9.77 15.76 -12.01
N PHE A 976 8.82 15.49 -11.09
CA PHE A 976 9.06 14.69 -9.89
C PHE A 976 7.87 13.83 -9.52
N LEU A 977 8.17 12.59 -9.11
CA LEU A 977 7.19 11.60 -8.67
C LEU A 977 7.71 10.77 -7.50
N LEU A 978 6.95 10.76 -6.42
CA LEU A 978 7.22 9.97 -5.23
C LEU A 978 6.03 9.04 -5.13
N GLU A 979 6.25 7.76 -5.44
CA GLU A 979 5.29 6.67 -5.37
C GLU A 979 5.43 5.98 -4.01
N ASN A 980 4.32 5.53 -3.42
CA ASN A 980 4.29 4.80 -2.15
C ASN A 980 2.94 4.10 -1.92
N VAL A 981 2.81 3.39 -0.80
CA VAL A 981 1.58 2.72 -0.37
C VAL A 981 0.57 3.81 -0.06
N ARG A 982 -0.71 3.57 -0.36
CA ARG A 982 -1.77 4.53 -0.14
C ARG A 982 -1.71 5.17 1.24
N ASN A 983 -1.42 4.38 2.29
CA ASN A 983 -1.38 4.88 3.65
C ASN A 983 -0.29 5.89 3.96
N PHE A 984 0.56 6.21 2.96
CA PHE A 984 1.61 7.23 3.09
C PHE A 984 0.97 8.63 3.32
N VAL A 985 -0.23 8.73 2.83
CA VAL A 985 -1.09 9.88 2.84
C VAL A 985 -1.72 10.09 4.22
N SER A 986 -1.73 9.06 5.11
CA SER A 986 -2.34 9.13 6.44
C SER A 986 -1.37 8.97 7.60
N TYR A 987 -0.14 8.47 7.33
CA TYR A 987 0.93 8.26 8.31
C TYR A 987 1.15 9.51 9.17
N ARG A 988 1.19 9.29 10.49
CA ARG A 988 1.49 10.25 11.54
C ARG A 988 0.63 11.48 11.53
N ARG A 989 -0.70 11.27 11.38
CA ARG A 989 -1.73 12.31 11.30
C ARG A 989 -1.47 13.20 10.06
N SER A 990 -1.18 12.54 8.94
CA SER A 990 -0.84 13.10 7.63
C SER A 990 0.40 14.01 7.64
N MET A 991 1.18 14.02 8.75
CA MET A 991 2.41 14.80 8.87
C MET A 991 3.52 14.43 7.90
N VAL A 992 3.59 13.17 7.44
CA VAL A 992 4.59 12.73 6.45
C VAL A 992 4.24 13.38 5.12
N LEU A 993 2.95 13.47 4.80
CA LEU A 993 2.49 14.09 3.56
C LEU A 993 2.66 15.57 3.64
N LYS A 994 2.16 16.20 4.71
CA LYS A 994 2.20 17.66 4.90
C LYS A 994 3.62 18.20 4.81
N LEU A 995 4.56 17.51 5.49
CA LEU A 995 5.97 17.88 5.46
C LEU A 995 6.62 17.69 4.09
N THR A 996 6.17 16.72 3.31
CA THR A 996 6.69 16.45 1.98
C THR A 996 6.26 17.57 1.07
N LEU A 997 5.00 17.96 1.15
CA LEU A 997 4.47 19.06 0.35
C LEU A 997 5.16 20.40 0.72
N ARG A 998 5.23 20.70 2.04
CA ARG A 998 5.88 21.89 2.57
C ARG A 998 7.26 21.98 1.97
N CYS A 999 7.99 20.87 1.97
CA CYS A 999 9.32 20.80 1.40
C CYS A 999 9.36 21.18 -0.08
N LEU A 1000 8.42 20.64 -0.87
CA LEU A 1000 8.37 20.91 -2.31
C LEU A 1000 8.08 22.39 -2.58
N VAL A 1001 7.26 22.98 -1.70
CA VAL A 1001 6.87 24.39 -1.76
C VAL A 1001 8.08 25.30 -1.50
N ARG A 1002 8.84 25.07 -0.38
CA ARG A 1002 10.03 25.87 -0.08
C ARG A 1002 11.02 25.85 -1.23
N MET A 1003 11.18 24.73 -1.92
CA MET A 1003 12.02 24.66 -3.11
C MET A 1003 11.48 25.54 -4.27
N GLY A 1004 10.15 25.76 -4.28
CA GLY A 1004 9.45 26.55 -5.30
C GLY A 1004 8.72 25.72 -6.34
N TYR A 1005 8.30 24.48 -5.99
CA TYR A 1005 7.63 23.60 -6.94
C TYR A 1005 6.12 23.68 -6.99
N GLN A 1006 5.56 23.38 -8.18
CA GLN A 1006 4.13 23.15 -8.36
C GLN A 1006 3.98 21.67 -7.92
N CYS A 1007 3.11 21.36 -6.98
CA CYS A 1007 2.96 19.97 -6.52
C CYS A 1007 1.51 19.59 -6.15
N THR A 1008 1.22 18.27 -6.10
CA THR A 1008 -0.06 17.67 -5.71
C THR A 1008 0.03 16.19 -5.30
N PHE A 1009 -1.07 15.61 -4.74
CA PHE A 1009 -1.12 14.20 -4.34
C PHE A 1009 -2.40 13.51 -4.80
N GLY A 1010 -2.41 12.19 -4.75
CA GLY A 1010 -3.58 11.41 -5.15
C GLY A 1010 -3.40 9.91 -5.01
N VAL A 1011 -4.53 9.21 -4.81
CA VAL A 1011 -4.57 7.74 -4.68
C VAL A 1011 -5.05 7.15 -5.99
N LEU A 1012 -4.37 6.13 -6.45
CA LEU A 1012 -4.78 5.47 -7.68
C LEU A 1012 -4.92 3.96 -7.43
N GLN A 1013 -5.94 3.34 -8.04
CA GLN A 1013 -6.22 1.91 -7.93
C GLN A 1013 -5.71 1.28 -9.18
N ALA A 1014 -4.65 0.46 -9.01
CA ALA A 1014 -3.98 -0.28 -10.08
C ALA A 1014 -4.94 -1.01 -10.98
N GLY A 1015 -5.97 -1.67 -10.41
CA GLY A 1015 -6.98 -2.43 -11.14
C GLY A 1015 -7.75 -1.67 -12.22
N GLN A 1016 -7.92 -0.36 -12.00
CA GLN A 1016 -8.60 0.58 -12.91
C GLN A 1016 -7.81 0.93 -14.18
N TYR A 1017 -6.56 0.47 -14.29
CA TYR A 1017 -5.71 0.77 -15.43
C TYR A 1017 -5.34 -0.46 -16.21
N GLY A 1018 -5.93 -1.60 -15.85
CA GLY A 1018 -5.75 -2.82 -16.62
C GLY A 1018 -5.02 -3.97 -15.99
N VAL A 1019 -5.18 -4.14 -14.70
CA VAL A 1019 -4.52 -5.27 -14.09
C VAL A 1019 -5.51 -6.03 -13.20
N ALA A 1020 -5.38 -7.36 -13.13
CA ALA A 1020 -6.30 -8.17 -12.32
C ALA A 1020 -5.84 -8.23 -10.85
N GLN A 1021 -5.78 -7.05 -10.19
CA GLN A 1021 -5.26 -6.87 -8.84
C GLN A 1021 -5.84 -5.62 -8.19
N THR A 1022 -6.15 -5.68 -6.90
CA THR A 1022 -6.61 -4.52 -6.13
C THR A 1022 -5.38 -3.95 -5.40
N ARG A 1023 -4.91 -2.78 -5.81
CA ARG A 1023 -3.79 -2.14 -5.12
C ARG A 1023 -3.78 -0.66 -5.29
N ARG A 1024 -3.90 0.03 -4.18
CA ARG A 1024 -3.88 1.45 -4.23
C ARG A 1024 -2.48 2.00 -3.95
N ARG A 1025 -2.16 3.15 -4.50
CA ARG A 1025 -0.85 3.74 -4.29
C ARG A 1025 -0.97 5.25 -4.09
N ALA A 1026 -0.20 5.81 -3.15
CA ALA A 1026 -0.14 7.25 -2.97
C ALA A 1026 0.86 7.70 -4.01
N ILE A 1027 0.51 8.76 -4.78
CA ILE A 1027 1.35 9.35 -5.83
C ILE A 1027 1.51 10.79 -5.52
N ILE A 1028 2.75 11.26 -5.48
CA ILE A 1028 3.04 12.66 -5.23
C ILE A 1028 3.72 13.29 -6.46
N LEU A 1029 2.96 13.98 -7.30
CA LEU A 1029 3.44 14.68 -8.50
C LEU A 1029 3.99 16.12 -8.22
N ALA A 1030 5.08 16.50 -8.91
CA ALA A 1030 5.67 17.84 -8.82
C ALA A 1030 6.21 18.28 -10.15
N ALA A 1031 5.95 19.53 -10.50
CA ALA A 1031 6.38 20.12 -11.78
C ALA A 1031 7.11 21.42 -11.51
N ALA A 1032 8.23 21.61 -12.20
CA ALA A 1032 9.06 22.79 -12.04
C ALA A 1032 8.39 24.04 -12.60
N PRO A 1033 8.63 25.23 -11.95
CA PRO A 1033 8.05 26.47 -12.48
C PRO A 1033 8.52 26.60 -13.92
N GLY A 1034 7.55 26.75 -14.83
CA GLY A 1034 7.80 26.81 -16.26
C GLY A 1034 7.05 25.69 -16.96
N GLU A 1035 7.04 24.51 -16.34
CA GLU A 1035 6.25 23.40 -16.90
C GLU A 1035 4.88 23.47 -16.29
N LYS A 1036 3.95 22.65 -16.77
CA LYS A 1036 2.61 22.58 -16.22
C LYS A 1036 2.48 21.37 -15.29
N LEU A 1037 1.63 21.47 -14.22
CA LEU A 1037 1.45 20.38 -13.26
C LEU A 1037 0.46 19.34 -13.80
N PRO A 1038 0.93 18.08 -14.07
CA PRO A 1038 0.02 17.06 -14.65
C PRO A 1038 -1.19 16.68 -13.81
N LEU A 1039 -2.21 16.19 -14.48
CA LEU A 1039 -3.41 15.68 -13.83
C LEU A 1039 -3.18 14.20 -13.56
N PHE A 1040 -4.09 13.54 -12.82
CA PHE A 1040 -4.07 12.12 -12.53
C PHE A 1040 -4.88 11.46 -13.63
N PRO A 1041 -4.47 10.27 -14.19
CA PRO A 1041 -5.23 9.68 -15.31
C PRO A 1041 -6.64 9.20 -14.98
N GLU A 1042 -7.53 9.26 -15.98
CA GLU A 1042 -8.89 8.77 -15.85
C GLU A 1042 -8.87 7.25 -15.91
N PRO A 1043 -9.54 6.55 -14.96
CA PRO A 1043 -9.57 5.06 -15.00
C PRO A 1043 -9.96 4.53 -16.37
N LEU A 1044 -9.24 3.55 -16.91
CA LEU A 1044 -9.62 3.03 -18.23
C LEU A 1044 -10.50 1.80 -18.09
N HIS A 1045 -10.46 1.17 -16.93
CA HIS A 1045 -11.23 -0.02 -16.63
C HIS A 1045 -12.16 0.16 -15.48
N VAL A 1046 -13.33 -0.39 -15.69
CA VAL A 1046 -14.40 -0.52 -14.73
C VAL A 1046 -13.80 -1.48 -13.64
N PHE A 1047 -14.04 -1.18 -12.38
CA PHE A 1047 -13.49 -1.96 -11.25
C PHE A 1047 -14.43 -1.87 -10.07
N ALA A 1048 -14.42 -2.86 -9.15
CA ALA A 1048 -15.30 -2.89 -7.97
C ALA A 1048 -15.17 -1.62 -7.05
N PRO A 1049 -16.32 -0.97 -6.77
CA PRO A 1049 -16.28 0.27 -5.96
C PRO A 1049 -15.57 0.21 -4.60
N ARG A 1050 -15.63 -0.96 -3.92
CA ARG A 1050 -15.02 -1.18 -2.61
C ARG A 1050 -13.51 -0.90 -2.60
N ALA A 1051 -12.83 -1.21 -3.74
CA ALA A 1051 -11.39 -1.09 -4.00
C ALA A 1051 -11.03 0.28 -4.51
N CYS A 1052 -12.03 1.05 -4.96
CA CYS A 1052 -11.77 2.36 -5.52
C CYS A 1052 -12.06 3.50 -4.58
N GLN A 1053 -11.68 3.40 -3.30
CA GLN A 1053 -11.86 4.52 -2.36
C GLN A 1053 -10.62 5.39 -2.49
N LEU A 1054 -10.73 6.43 -3.34
CA LEU A 1054 -9.63 7.32 -3.70
C LEU A 1054 -9.44 8.65 -2.94
N SER A 1055 -10.33 8.99 -2.02
CA SER A 1055 -10.21 10.27 -1.33
C SER A 1055 -9.34 10.21 -0.09
N VAL A 1056 -8.83 11.36 0.37
CA VAL A 1056 -7.92 11.49 1.52
C VAL A 1056 -8.43 12.56 2.47
N VAL A 1057 -8.49 12.25 3.78
CA VAL A 1057 -8.90 13.22 4.81
C VAL A 1057 -7.64 13.85 5.37
N VAL A 1058 -7.52 15.17 5.32
CA VAL A 1058 -6.35 15.81 5.92
C VAL A 1058 -6.87 16.93 6.83
N ASP A 1059 -6.65 16.77 8.15
CA ASP A 1059 -7.10 17.66 9.21
C ASP A 1059 -8.63 17.89 9.04
N ASP A 1060 -9.37 16.78 9.10
CA ASP A 1060 -10.82 16.64 8.90
C ASP A 1060 -11.47 17.48 7.77
N LYS A 1061 -10.74 17.57 6.64
CA LYS A 1061 -11.10 18.16 5.36
C LYS A 1061 -10.81 17.06 4.29
N LYS A 1062 -11.77 16.80 3.39
CA LYS A 1062 -11.72 15.75 2.36
C LYS A 1062 -11.09 16.23 1.08
N PHE A 1063 -9.89 15.71 0.78
CA PHE A 1063 -9.15 16.01 -0.44
C PHE A 1063 -9.39 14.94 -1.49
N VAL A 1064 -9.64 15.40 -2.71
CA VAL A 1064 -9.95 14.56 -3.87
C VAL A 1064 -9.00 14.88 -5.07
N SER A 1065 -8.88 13.98 -6.05
CA SER A 1065 -8.06 14.34 -7.23
C SER A 1065 -9.04 14.75 -8.35
N ASN A 1066 -8.48 15.21 -9.47
CA ASN A 1066 -9.20 15.62 -10.68
C ASN A 1066 -9.93 14.45 -11.37
N ILE A 1067 -9.74 13.20 -10.92
CA ILE A 1067 -10.41 12.08 -11.54
C ILE A 1067 -11.91 12.33 -11.45
N THR A 1068 -12.57 12.13 -12.62
CA THR A 1068 -14.02 12.25 -12.80
C THR A 1068 -14.71 10.87 -12.91
N ARG A 1069 -14.05 9.85 -13.53
CA ARG A 1069 -14.65 8.52 -13.73
C ARG A 1069 -14.78 7.72 -12.45
N LEU A 1070 -15.75 8.14 -11.65
CA LEU A 1070 -16.04 7.49 -10.38
C LEU A 1070 -16.99 6.36 -10.71
N SER A 1071 -16.44 5.15 -10.74
CA SER A 1071 -17.10 3.89 -11.09
C SER A 1071 -16.89 3.44 -12.57
N SER A 1072 -17.58 4.11 -13.57
CA SER A 1072 -17.50 3.67 -14.95
C SER A 1072 -16.19 3.89 -15.70
N GLY A 1073 -16.16 3.47 -16.96
CA GLY A 1073 -14.99 3.57 -17.82
C GLY A 1073 -15.19 2.84 -19.11
N PRO A 1074 -14.32 3.08 -20.14
CA PRO A 1074 -14.49 2.43 -21.46
C PRO A 1074 -14.34 0.93 -21.56
N PHE A 1075 -13.52 0.29 -20.73
CA PHE A 1075 -13.27 -1.16 -20.82
C PHE A 1075 -13.68 -2.01 -19.63
N ARG A 1076 -13.97 -3.28 -19.92
CA ARG A 1076 -14.33 -4.32 -18.95
C ARG A 1076 -13.12 -4.61 -18.06
N THR A 1077 -13.35 -5.03 -16.82
CA THR A 1077 -12.26 -5.37 -15.88
C THR A 1077 -11.40 -6.50 -16.48
N ILE A 1078 -10.09 -6.52 -16.13
CA ILE A 1078 -9.16 -7.56 -16.51
C ILE A 1078 -9.26 -8.56 -15.34
N THR A 1079 -9.55 -9.83 -15.63
CA THR A 1079 -9.74 -10.90 -14.64
C THR A 1079 -8.48 -11.78 -14.49
N VAL A 1080 -8.45 -12.68 -13.47
CA VAL A 1080 -7.36 -13.65 -13.28
C VAL A 1080 -7.26 -14.52 -14.53
N ARG A 1081 -8.40 -14.80 -15.19
CA ARG A 1081 -8.44 -15.58 -16.42
C ARG A 1081 -7.71 -14.87 -17.51
N ASP A 1082 -8.04 -13.59 -17.72
CA ASP A 1082 -7.39 -12.81 -18.79
C ASP A 1082 -5.88 -12.83 -18.62
N THR A 1083 -5.46 -12.71 -17.37
CA THR A 1083 -4.12 -12.69 -16.83
C THR A 1083 -3.31 -13.96 -17.05
N MET A 1084 -3.86 -15.16 -16.83
CA MET A 1084 -3.01 -16.35 -16.90
C MET A 1084 -3.55 -17.62 -17.46
N SER A 1085 -4.75 -17.60 -18.06
CA SER A 1085 -5.41 -18.79 -18.61
C SER A 1085 -4.66 -19.58 -19.73
N ASP A 1086 -3.59 -18.99 -20.29
CA ASP A 1086 -2.83 -19.60 -21.38
C ASP A 1086 -1.67 -20.44 -20.92
N LEU A 1087 -1.11 -20.12 -19.77
CA LEU A 1087 0.07 -20.80 -19.28
C LEU A 1087 -0.09 -22.31 -19.11
N PRO A 1088 0.98 -23.07 -19.46
CA PRO A 1088 0.90 -24.53 -19.35
C PRO A 1088 0.97 -25.03 -17.92
N GLU A 1089 0.48 -26.24 -17.67
CA GLU A 1089 0.45 -26.82 -16.32
C GLU A 1089 1.81 -27.00 -15.74
N ILE A 1090 1.91 -26.72 -14.44
CA ILE A 1090 3.12 -26.93 -13.62
C ILE A 1090 2.69 -27.51 -12.31
N GLN A 1091 3.59 -28.26 -11.70
CA GLN A 1091 3.31 -28.88 -10.41
C GLN A 1091 4.02 -28.12 -9.31
N ASN A 1092 3.68 -28.42 -8.07
CA ASN A 1092 4.26 -27.79 -6.92
C ASN A 1092 5.77 -28.09 -6.93
N GLY A 1093 6.60 -27.05 -6.92
CA GLY A 1093 8.05 -27.23 -6.92
C GLY A 1093 8.69 -27.05 -8.28
N ALA A 1094 7.86 -26.71 -9.30
CA ALA A 1094 8.28 -26.44 -10.68
C ALA A 1094 9.54 -25.55 -10.67
N SER A 1095 10.65 -26.08 -11.20
CA SER A 1095 11.99 -25.46 -11.20
C SER A 1095 12.62 -25.10 -12.55
N ASN A 1096 12.05 -25.54 -13.68
CA ASN A 1096 12.60 -25.17 -14.99
C ASN A 1096 12.18 -23.77 -15.46
N SER A 1097 13.15 -22.82 -15.42
CA SER A 1097 12.96 -21.41 -15.75
C SER A 1097 12.61 -21.16 -17.19
N GLU A 1098 13.14 -21.97 -18.09
CA GLU A 1098 12.97 -21.86 -19.53
C GLU A 1098 12.23 -23.07 -20.07
N ILE A 1099 10.94 -22.91 -20.35
CA ILE A 1099 10.06 -23.96 -20.83
C ILE A 1099 9.31 -23.53 -22.09
N PRO A 1100 8.87 -24.46 -22.99
CA PRO A 1100 8.07 -24.01 -24.14
C PRO A 1100 6.71 -23.46 -23.68
N TYR A 1101 6.11 -22.60 -24.49
CA TYR A 1101 4.81 -22.06 -24.19
C TYR A 1101 3.74 -23.13 -24.28
N ASN A 1102 3.84 -24.02 -25.27
CA ASN A 1102 2.90 -25.11 -25.57
C ASN A 1102 1.48 -24.58 -25.78
N GLY A 1103 1.36 -23.53 -26.59
CA GLY A 1103 0.08 -22.91 -26.89
C GLY A 1103 0.15 -21.45 -27.25
N GLU A 1104 -0.88 -20.96 -27.97
CA GLU A 1104 -1.00 -19.58 -28.43
C GLU A 1104 -1.71 -18.74 -27.36
N PRO A 1105 -1.61 -17.38 -27.35
CA PRO A 1105 -2.31 -16.62 -26.30
C PRO A 1105 -3.82 -16.73 -26.47
N LEU A 1106 -4.58 -16.64 -25.39
CA LEU A 1106 -6.03 -16.77 -25.44
C LEU A 1106 -6.75 -15.44 -25.29
N SER A 1107 -6.44 -14.69 -24.24
CA SER A 1107 -7.10 -13.42 -23.96
C SER A 1107 -6.41 -12.25 -24.64
N TRP A 1108 -7.16 -11.13 -24.80
CA TRP A 1108 -6.67 -9.89 -25.37
C TRP A 1108 -5.37 -9.51 -24.66
N PHE A 1109 -5.40 -9.51 -23.34
CA PHE A 1109 -4.34 -9.15 -22.40
C PHE A 1109 -3.08 -9.98 -22.65
N GLN A 1110 -3.26 -11.31 -22.81
CA GLN A 1110 -2.19 -12.27 -23.03
C GLN A 1110 -1.54 -11.92 -24.34
N ARG A 1111 -2.35 -11.66 -25.37
CA ARG A 1111 -1.86 -11.25 -26.69
C ARG A 1111 -0.99 -10.02 -26.58
N GLN A 1112 -1.29 -9.13 -25.62
CA GLN A 1112 -0.52 -7.89 -25.43
C GLN A 1112 0.87 -8.08 -24.81
N LEU A 1113 0.95 -8.88 -23.74
CA LEU A 1113 2.22 -9.09 -23.04
C LEU A 1113 3.13 -10.07 -23.72
N ARG A 1114 2.58 -10.87 -24.63
CA ARG A 1114 3.31 -11.87 -25.38
C ARG A 1114 3.93 -11.34 -26.66
N GLY A 1115 3.29 -10.34 -27.24
CA GLY A 1115 3.70 -9.71 -28.48
C GLY A 1115 2.90 -10.23 -29.65
N SER A 1116 2.79 -9.40 -30.70
CA SER A 1116 2.09 -9.72 -31.95
C SER A 1116 3.10 -10.37 -32.96
N HIS A 1117 3.66 -11.53 -32.54
CA HIS A 1117 4.67 -12.34 -33.23
C HIS A 1117 4.81 -13.72 -32.53
N TYR A 1118 5.90 -14.45 -32.83
CA TYR A 1118 6.22 -15.72 -32.19
C TYR A 1118 7.51 -15.59 -31.37
N GLN A 1119 7.41 -16.06 -30.11
CA GLN A 1119 8.48 -16.16 -29.12
C GLN A 1119 8.39 -17.60 -28.56
N PRO A 1120 9.50 -18.35 -28.57
CA PRO A 1120 9.42 -19.75 -28.13
C PRO A 1120 9.31 -20.02 -26.61
N ILE A 1121 10.28 -19.48 -25.82
CA ILE A 1121 10.50 -19.62 -24.38
C ILE A 1121 9.46 -18.92 -23.53
N LEU A 1122 9.04 -19.61 -22.45
CA LEU A 1122 8.24 -19.06 -21.38
C LEU A 1122 9.27 -19.02 -20.26
N ARG A 1123 9.56 -17.84 -19.72
CA ARG A 1123 10.53 -17.64 -18.64
C ARG A 1123 9.87 -17.45 -17.26
N ASP A 1124 10.46 -18.01 -16.21
CA ASP A 1124 10.00 -17.83 -14.82
C ASP A 1124 8.68 -18.51 -14.43
N HIS A 1125 8.13 -19.49 -15.24
CA HIS A 1125 6.89 -20.18 -14.84
C HIS A 1125 7.32 -21.22 -13.82
N ILE A 1126 7.69 -20.69 -12.66
CA ILE A 1126 8.32 -21.36 -11.56
C ILE A 1126 7.64 -21.05 -10.26
N CYS A 1127 7.33 -22.09 -9.49
CA CYS A 1127 6.66 -21.94 -8.21
C CYS A 1127 7.39 -22.73 -7.12
N LYS A 1128 7.20 -22.30 -5.87
CA LYS A 1128 7.78 -22.82 -4.65
C LYS A 1128 7.49 -24.31 -4.40
N ASP A 1129 8.44 -25.05 -3.84
CA ASP A 1129 8.27 -26.45 -3.48
C ASP A 1129 7.71 -26.46 -2.04
N MET A 1130 6.39 -26.55 -1.93
CA MET A 1130 5.78 -26.51 -0.60
C MET A 1130 5.96 -27.83 0.08
N SER A 1131 6.10 -27.81 1.41
CA SER A 1131 6.29 -29.00 2.25
C SER A 1131 5.30 -30.13 1.94
N PRO A 1132 5.60 -31.41 2.18
CA PRO A 1132 4.59 -32.44 1.90
C PRO A 1132 3.25 -32.15 2.58
N LEU A 1133 3.25 -31.57 3.82
CA LEU A 1133 1.99 -31.21 4.53
C LEU A 1133 1.15 -30.14 3.76
N VAL A 1134 1.75 -28.98 3.41
CA VAL A 1134 1.09 -27.92 2.66
C VAL A 1134 0.59 -28.47 1.32
N ALA A 1135 1.46 -29.22 0.61
CA ALA A 1135 1.15 -29.77 -0.68
C ALA A 1135 -0.14 -30.62 -0.64
N ALA A 1136 -0.29 -31.49 0.39
CA ALA A 1136 -1.46 -32.35 0.58
C ALA A 1136 -2.75 -31.55 0.80
N ARG A 1137 -2.67 -30.44 1.57
CA ARG A 1137 -3.76 -29.51 1.82
C ARG A 1137 -4.16 -28.90 0.49
N MET A 1138 -3.20 -28.33 -0.27
CA MET A 1138 -3.46 -27.75 -1.60
C MET A 1138 -4.21 -28.74 -2.53
N ARG A 1139 -3.83 -30.01 -2.54
CA ARG A 1139 -4.52 -31.01 -3.35
C ARG A 1139 -5.98 -31.20 -2.92
N HIS A 1140 -6.27 -31.00 -1.63
CA HIS A 1140 -7.61 -31.19 -1.08
C HIS A 1140 -8.49 -29.95 -1.05
N ILE A 1141 -8.00 -28.81 -1.58
CA ILE A 1141 -8.81 -27.58 -1.74
C ILE A 1141 -9.61 -27.75 -3.06
N PRO A 1142 -10.96 -27.70 -3.03
CA PRO A 1142 -11.73 -27.93 -4.25
C PRO A 1142 -11.66 -26.82 -5.30
N LEU A 1143 -12.15 -27.07 -6.51
CA LEU A 1143 -11.99 -26.09 -7.54
C LEU A 1143 -13.04 -25.01 -7.67
N PHE A 1144 -14.22 -25.20 -7.03
CA PHE A 1144 -15.33 -24.23 -7.05
C PHE A 1144 -14.91 -22.85 -6.60
N PRO A 1145 -15.29 -21.75 -7.28
CA PRO A 1145 -14.84 -20.42 -6.84
C PRO A 1145 -15.31 -20.04 -5.47
N GLY A 1146 -14.34 -19.74 -4.61
CA GLY A 1146 -14.60 -19.33 -3.24
C GLY A 1146 -14.12 -20.32 -2.20
N SER A 1147 -13.57 -21.45 -2.67
CA SER A 1147 -13.07 -22.45 -1.78
C SER A 1147 -11.73 -22.16 -1.13
N ASP A 1148 -11.69 -22.31 0.20
CA ASP A 1148 -10.54 -22.15 1.08
C ASP A 1148 -10.44 -23.32 2.11
N TRP A 1149 -9.71 -23.13 3.20
CA TRP A 1149 -9.51 -24.13 4.24
C TRP A 1149 -10.80 -24.71 4.82
N ARG A 1150 -11.86 -23.91 4.88
CA ARG A 1150 -13.15 -24.36 5.39
C ARG A 1150 -13.69 -25.54 4.60
N ASP A 1151 -13.21 -25.75 3.35
CA ASP A 1151 -13.65 -26.84 2.47
C ASP A 1151 -12.80 -28.12 2.57
N LEU A 1152 -11.77 -28.13 3.42
CA LEU A 1152 -10.92 -29.28 3.61
C LEU A 1152 -11.63 -30.52 4.23
N PRO A 1153 -11.20 -31.75 3.86
CA PRO A 1153 -11.79 -32.93 4.49
C PRO A 1153 -11.03 -33.31 5.76
N ASN A 1154 -11.70 -33.88 6.78
CA ASN A 1154 -10.98 -34.30 8.00
C ASN A 1154 -10.57 -35.73 7.81
N ILE A 1155 -9.44 -35.91 7.10
CA ILE A 1155 -8.91 -37.21 6.68
C ILE A 1155 -7.42 -37.38 6.87
N GLN A 1156 -7.04 -38.63 7.12
CA GLN A 1156 -5.65 -39.07 7.30
C GLN A 1156 -5.06 -39.14 5.91
N VAL A 1157 -3.88 -38.57 5.73
CA VAL A 1157 -3.21 -38.55 4.44
C VAL A 1157 -1.77 -39.00 4.64
N ARG A 1158 -1.26 -39.95 3.82
CA ARG A 1158 0.14 -40.39 3.88
C ARG A 1158 0.98 -39.30 3.19
N LEU A 1159 1.81 -38.58 3.98
CA LEU A 1159 2.57 -37.41 3.52
C LEU A 1159 3.86 -37.68 2.72
N GLY A 1160 3.74 -38.36 1.58
CA GLY A 1160 4.87 -38.69 0.71
C GLY A 1160 5.86 -39.64 1.36
N ASP A 1161 6.59 -39.13 2.38
CA ASP A 1161 7.55 -39.84 3.24
C ASP A 1161 6.79 -40.79 4.20
N GLY A 1162 7.44 -41.19 5.30
CA GLY A 1162 6.83 -42.05 6.30
C GLY A 1162 5.69 -41.35 7.03
N VAL A 1163 5.81 -39.99 7.17
CA VAL A 1163 4.89 -39.06 7.85
C VAL A 1163 3.42 -39.20 7.41
N ILE A 1164 2.48 -39.18 8.35
CA ILE A 1164 1.06 -39.32 8.06
C ILE A 1164 0.26 -38.16 8.68
N ALA A 1165 -0.36 -37.29 7.83
CA ALA A 1165 -1.18 -36.15 8.29
C ALA A 1165 -2.42 -36.69 8.95
N HIS A 1166 -2.56 -36.49 10.25
CA HIS A 1166 -3.72 -37.07 10.91
C HIS A 1166 -5.02 -36.20 10.91
N LYS A 1167 -6.09 -36.79 11.44
CA LYS A 1167 -7.36 -36.16 11.63
C LYS A 1167 -7.26 -35.19 12.82
N LEU A 1168 -8.09 -34.14 12.78
CA LEU A 1168 -8.28 -33.15 13.81
C LEU A 1168 -9.32 -33.76 14.73
N GLN A 1169 -9.02 -33.77 16.01
CA GLN A 1169 -9.85 -34.31 17.07
C GLN A 1169 -10.69 -33.18 17.63
N TYR A 1170 -12.02 -33.37 17.63
CA TYR A 1170 -12.93 -32.37 18.20
C TYR A 1170 -13.34 -32.82 19.57
N THR A 1171 -12.71 -32.23 20.61
CA THR A 1171 -12.90 -32.63 22.03
C THR A 1171 -13.55 -31.66 22.99
N PHE A 1172 -13.78 -30.42 22.56
CA PHE A 1172 -14.37 -29.40 23.40
C PHE A 1172 -15.64 -28.84 22.82
N HIS A 1173 -16.50 -28.28 23.66
CA HIS A 1173 -17.72 -27.69 23.17
C HIS A 1173 -17.40 -26.30 22.65
N ASP A 1174 -17.99 -25.91 21.53
CA ASP A 1174 -17.89 -24.51 21.15
C ASP A 1174 -19.21 -23.92 21.60
N VAL A 1175 -19.21 -23.25 22.76
CA VAL A 1175 -20.39 -22.67 23.33
C VAL A 1175 -21.07 -21.67 22.43
N LYS A 1176 -20.30 -20.99 21.58
CA LYS A 1176 -20.79 -19.99 20.65
C LYS A 1176 -21.23 -20.60 19.30
N ASN A 1177 -20.60 -21.73 18.88
CA ASN A 1177 -20.91 -22.31 17.57
C ASN A 1177 -21.82 -23.52 17.54
N GLY A 1178 -22.25 -24.02 18.70
CA GLY A 1178 -23.13 -25.19 18.81
C GLY A 1178 -22.49 -26.49 18.36
N TYR A 1179 -23.35 -27.49 18.14
CA TYR A 1179 -22.93 -28.81 17.68
C TYR A 1179 -23.11 -28.89 16.16
N SER A 1180 -22.44 -29.87 15.53
CA SER A 1180 -22.54 -30.18 14.12
C SER A 1180 -23.87 -30.84 13.94
N SER A 1181 -24.28 -31.06 12.68
CA SER A 1181 -25.53 -31.74 12.35
C SER A 1181 -25.58 -33.16 12.92
N THR A 1182 -24.41 -33.76 13.17
CA THR A 1182 -24.27 -35.12 13.70
C THR A 1182 -24.26 -35.15 15.25
N GLY A 1183 -24.43 -33.99 15.88
CA GLY A 1183 -24.33 -33.87 17.33
C GLY A 1183 -22.89 -33.91 17.85
N ALA A 1184 -21.89 -33.76 16.95
CA ALA A 1184 -20.46 -33.74 17.30
C ALA A 1184 -20.02 -32.39 17.84
N LEU A 1185 -18.88 -32.37 18.53
CA LEU A 1185 -18.32 -31.16 19.10
C LEU A 1185 -17.57 -30.39 18.03
N ARG A 1186 -17.47 -29.08 18.20
CA ARG A 1186 -16.79 -28.24 17.22
C ARG A 1186 -15.54 -27.55 17.80
N GLY A 1187 -15.31 -27.73 19.10
CA GLY A 1187 -14.20 -27.13 19.84
C GLY A 1187 -12.95 -27.93 19.67
N VAL A 1188 -11.82 -27.26 19.65
CA VAL A 1188 -10.50 -27.83 19.39
C VAL A 1188 -9.51 -27.59 20.54
N CYS A 1189 -9.87 -26.68 21.48
CA CYS A 1189 -9.11 -26.23 22.65
C CYS A 1189 -10.14 -25.89 23.71
N SER A 1190 -9.69 -25.84 24.95
CA SER A 1190 -10.53 -25.54 26.12
C SER A 1190 -11.14 -24.13 26.12
N CYS A 1191 -10.50 -23.20 25.42
CA CYS A 1191 -10.95 -21.83 25.29
C CYS A 1191 -12.21 -21.73 24.48
N ALA A 1192 -12.58 -22.79 23.75
CA ALA A 1192 -13.86 -22.78 23.02
C ALA A 1192 -15.01 -22.79 24.06
N GLU A 1193 -14.74 -23.35 25.28
CA GLU A 1193 -15.72 -23.47 26.35
C GLU A 1193 -15.64 -22.30 27.30
N GLY A 1194 -14.70 -21.40 27.03
CA GLY A 1194 -14.50 -20.22 27.87
C GLY A 1194 -13.41 -20.39 28.92
N LYS A 1195 -12.82 -21.58 29.00
CA LYS A 1195 -11.76 -21.85 29.97
C LYS A 1195 -10.40 -21.35 29.44
N ALA A 1196 -9.30 -21.60 30.14
CA ALA A 1196 -8.03 -21.16 29.59
C ALA A 1196 -7.52 -22.20 28.57
N CYS A 1197 -6.48 -21.93 27.83
CA CYS A 1197 -6.06 -22.95 26.88
C CYS A 1197 -5.43 -24.07 27.64
N ASP A 1198 -5.73 -25.32 27.28
CA ASP A 1198 -5.01 -26.47 27.85
C ASP A 1198 -3.97 -26.77 26.79
N PRO A 1199 -2.66 -26.64 27.07
CA PRO A 1199 -1.64 -26.95 26.03
C PRO A 1199 -1.62 -28.45 25.79
N GLU A 1200 -1.06 -28.89 24.69
CA GLU A 1200 -1.09 -30.35 24.42
C GLU A 1200 -2.54 -30.94 24.47
N SER A 1201 -3.37 -30.23 23.73
CA SER A 1201 -4.73 -30.39 23.25
C SER A 1201 -4.56 -29.74 21.89
N ARG A 1202 -3.38 -29.12 21.74
CA ARG A 1202 -2.80 -28.44 20.60
C ARG A 1202 -2.25 -29.55 19.69
N GLN A 1203 -2.91 -29.74 18.55
CA GLN A 1203 -2.55 -30.77 17.59
C GLN A 1203 -1.73 -30.19 16.48
N PHE A 1204 -0.83 -30.97 15.93
CA PHE A 1204 0.05 -30.53 14.87
C PHE A 1204 0.09 -31.58 13.77
N SER A 1205 0.55 -31.21 12.56
CA SER A 1205 0.57 -32.12 11.38
C SER A 1205 -0.80 -32.69 11.02
N THR A 1206 -1.84 -31.88 11.15
CA THR A 1206 -3.21 -32.22 10.78
C THR A 1206 -3.45 -31.54 9.42
N LEU A 1207 -4.27 -32.16 8.54
CA LEU A 1207 -4.63 -31.60 7.25
C LEU A 1207 -5.40 -30.29 7.48
N ILE A 1208 -6.51 -30.28 8.24
CA ILE A 1208 -7.16 -29.02 8.59
C ILE A 1208 -6.21 -28.42 9.65
N PRO A 1209 -5.50 -27.28 9.45
CA PRO A 1209 -4.59 -26.82 10.51
C PRO A 1209 -5.37 -26.54 11.76
N TRP A 1210 -4.88 -27.02 12.91
CA TRP A 1210 -5.52 -26.87 14.22
C TRP A 1210 -5.74 -25.40 14.58
N CYS A 1211 -4.76 -24.54 14.23
CA CYS A 1211 -4.79 -23.14 14.59
C CYS A 1211 -6.02 -22.41 14.09
N LEU A 1212 -6.49 -22.75 12.88
CA LEU A 1212 -7.63 -22.11 12.23
C LEU A 1212 -8.97 -22.26 12.99
N PRO A 1213 -9.50 -23.46 13.33
CA PRO A 1213 -10.69 -23.47 14.20
C PRO A 1213 -10.37 -22.86 15.59
N HIS A 1214 -9.10 -22.86 16.02
CA HIS A 1214 -8.74 -22.36 17.34
C HIS A 1214 -9.00 -20.86 17.48
N THR A 1215 -8.58 -20.08 16.46
CA THR A 1215 -8.68 -18.62 16.40
C THR A 1215 -9.73 -18.08 15.36
N GLY A 1216 -10.48 -18.99 14.75
CA GLY A 1216 -11.51 -18.69 13.76
C GLY A 1216 -12.54 -17.67 14.15
N ASN A 1217 -13.20 -17.87 15.30
CA ASN A 1217 -14.30 -17.01 15.79
C ASN A 1217 -13.92 -15.53 15.97
N ARG A 1218 -12.64 -15.27 16.35
CA ARG A 1218 -12.12 -13.94 16.54
C ARG A 1218 -11.49 -13.34 15.27
N HIS A 1219 -11.29 -14.11 14.19
CA HIS A 1219 -10.66 -13.58 12.99
C HIS A 1219 -11.42 -13.85 11.71
N ASN A 1220 -12.74 -13.67 11.77
CA ASN A 1220 -13.64 -13.87 10.64
C ASN A 1220 -13.47 -15.22 9.91
N HIS A 1221 -13.24 -16.29 10.70
CA HIS A 1221 -13.07 -17.65 10.22
C HIS A 1221 -11.92 -17.78 9.25
N TRP A 1222 -10.95 -16.86 9.31
CA TRP A 1222 -9.79 -16.80 8.44
C TRP A 1222 -10.20 -17.02 7.00
N ALA A 1223 -11.30 -16.38 6.58
CA ALA A 1223 -11.82 -16.49 5.23
C ALA A 1223 -10.70 -16.12 4.24
N GLY A 1224 -10.47 -17.00 3.27
CA GLY A 1224 -9.46 -16.81 2.24
C GLY A 1224 -8.21 -17.62 2.47
N LEU A 1225 -7.93 -18.02 3.73
CA LEU A 1225 -6.73 -18.81 4.03
C LEU A 1225 -6.88 -20.21 3.39
N TYR A 1226 -5.88 -20.59 2.56
CA TYR A 1226 -5.84 -21.76 1.65
C TYR A 1226 -6.88 -21.56 0.54
N GLY A 1227 -7.14 -20.30 0.16
CA GLY A 1227 -8.08 -19.96 -0.89
C GLY A 1227 -7.42 -19.95 -2.24
N ARG A 1228 -8.16 -20.43 -3.24
CA ARG A 1228 -7.72 -20.47 -4.65
C ARG A 1228 -8.24 -19.21 -5.28
N LEU A 1229 -7.46 -18.59 -6.19
CA LEU A 1229 -7.95 -17.42 -6.88
C LEU A 1229 -9.11 -17.86 -7.80
N GLU A 1230 -10.09 -16.97 -7.99
CA GLU A 1230 -11.27 -17.15 -8.82
C GLU A 1230 -10.87 -16.66 -10.22
N TRP A 1231 -11.25 -17.40 -11.30
CA TRP A 1231 -10.86 -17.01 -12.66
C TRP A 1231 -11.41 -15.65 -13.00
N ASP A 1232 -12.57 -15.36 -12.44
CA ASP A 1232 -13.27 -14.09 -12.67
C ASP A 1232 -12.83 -13.00 -11.76
N GLY A 1233 -12.08 -13.38 -10.74
CA GLY A 1233 -11.63 -12.48 -9.69
C GLY A 1233 -10.37 -11.74 -9.99
N PHE A 1234 -9.64 -11.41 -8.93
CA PHE A 1234 -8.42 -10.67 -9.02
C PHE A 1234 -7.51 -11.06 -7.90
N PHE A 1235 -6.25 -10.58 -7.91
CA PHE A 1235 -5.26 -10.78 -6.84
C PHE A 1235 -5.59 -9.75 -5.76
N SER A 1236 -5.44 -10.11 -4.48
CA SER A 1236 -5.81 -9.25 -3.33
C SER A 1236 -4.91 -8.06 -3.09
N THR A 1237 -3.64 -8.21 -3.43
CA THR A 1237 -2.57 -7.23 -3.28
C THR A 1237 -1.44 -7.73 -4.09
N THR A 1238 -0.36 -6.98 -4.04
CA THR A 1238 0.94 -7.19 -4.65
C THR A 1238 1.53 -8.46 -3.93
N VAL A 1239 1.71 -9.59 -4.63
CA VAL A 1239 2.26 -10.77 -3.94
C VAL A 1239 3.80 -10.74 -4.04
N THR A 1240 4.50 -10.88 -2.88
CA THR A 1240 5.97 -10.84 -2.77
C THR A 1240 6.55 -12.18 -2.33
N ASN A 1241 5.75 -12.99 -1.64
CA ASN A 1241 6.10 -14.33 -1.15
C ASN A 1241 4.76 -15.07 -0.85
N PRO A 1242 4.30 -15.93 -1.77
CA PRO A 1242 3.01 -16.60 -1.53
C PRO A 1242 3.01 -17.67 -0.43
N GLU A 1243 2.25 -17.46 0.68
CA GLU A 1243 2.09 -18.43 1.78
C GLU A 1243 0.60 -18.59 2.05
N PRO A 1244 0.05 -19.85 2.07
CA PRO A 1244 -1.41 -20.03 2.17
C PRO A 1244 -2.07 -19.50 3.39
N MET A 1245 -1.32 -19.36 4.49
CA MET A 1245 -1.82 -18.82 5.76
C MET A 1245 -1.19 -17.47 6.06
N GLY A 1246 -0.75 -16.82 5.01
CA GLY A 1246 -0.17 -15.50 5.09
C GLY A 1246 -1.18 -14.38 5.00
N LYS A 1247 -0.64 -13.18 4.86
CA LYS A 1247 -1.34 -11.90 4.86
C LYS A 1247 -1.36 -11.28 3.46
N GLN A 1248 -1.07 -12.06 2.39
CA GLN A 1248 -1.05 -11.50 1.03
C GLN A 1248 -2.25 -11.90 0.15
N GLY A 1249 -3.25 -12.54 0.78
CA GLY A 1249 -4.49 -12.93 0.13
C GLY A 1249 -4.49 -14.34 -0.44
N ARG A 1250 -5.56 -14.67 -1.22
CA ARG A 1250 -5.77 -15.94 -1.87
C ARG A 1250 -4.60 -16.02 -2.81
N VAL A 1251 -3.84 -17.09 -2.68
CA VAL A 1251 -2.55 -17.27 -3.36
C VAL A 1251 -2.38 -18.67 -4.10
N LEU A 1252 -3.33 -19.61 -3.96
CA LEU A 1252 -3.30 -20.87 -4.68
C LEU A 1252 -3.86 -20.61 -6.07
N HIS A 1253 -3.44 -21.42 -7.02
CA HIS A 1253 -3.86 -21.33 -8.38
C HIS A 1253 -5.36 -21.68 -8.49
N PRO A 1254 -6.17 -21.08 -9.41
CA PRO A 1254 -7.58 -21.49 -9.54
C PRO A 1254 -7.83 -22.99 -9.73
N GLU A 1255 -6.94 -23.71 -10.43
CA GLU A 1255 -7.13 -25.13 -10.73
C GLU A 1255 -6.08 -26.10 -10.25
N GLN A 1256 -4.82 -25.76 -10.39
CA GLN A 1256 -3.69 -26.63 -10.07
C GLN A 1256 -3.40 -26.67 -8.62
N HIS A 1257 -2.88 -27.81 -8.12
CA HIS A 1257 -2.59 -28.05 -6.71
C HIS A 1257 -1.26 -27.43 -6.28
N ARG A 1258 -1.15 -26.12 -6.50
CA ARG A 1258 0.07 -25.37 -6.24
C ARG A 1258 -0.26 -23.89 -5.94
N VAL A 1259 0.79 -23.14 -5.63
CA VAL A 1259 0.79 -21.73 -5.34
C VAL A 1259 1.12 -21.06 -6.69
N VAL A 1260 0.74 -19.77 -6.85
CA VAL A 1260 0.99 -18.95 -8.04
C VAL A 1260 2.49 -18.87 -8.34
N SER A 1261 2.83 -18.99 -9.64
CA SER A 1261 4.20 -18.98 -10.14
C SER A 1261 4.72 -17.55 -10.20
N VAL A 1262 6.05 -17.38 -10.33
CA VAL A 1262 6.71 -16.08 -10.45
C VAL A 1262 6.09 -15.38 -11.66
N ARG A 1263 5.97 -16.08 -12.83
CA ARG A 1263 5.38 -15.48 -14.02
C ARG A 1263 3.94 -15.08 -13.83
N GLU A 1264 3.15 -15.90 -13.12
CA GLU A 1264 1.74 -15.60 -12.85
C GLU A 1264 1.61 -14.27 -12.13
N CYS A 1265 2.54 -14.00 -11.20
CA CYS A 1265 2.61 -12.73 -10.49
C CYS A 1265 3.02 -11.61 -11.40
N ALA A 1266 4.02 -11.87 -12.29
CA ALA A 1266 4.50 -10.89 -13.26
C ALA A 1266 3.34 -10.46 -14.15
N ARG A 1267 2.48 -11.44 -14.58
CA ARG A 1267 1.29 -11.17 -15.38
C ARG A 1267 0.24 -10.30 -14.63
N SER A 1268 0.07 -10.58 -13.30
CA SER A 1268 -0.80 -9.82 -12.41
C SER A 1268 -0.30 -8.39 -12.31
N GLN A 1269 1.01 -8.17 -12.54
CA GLN A 1269 1.62 -6.85 -12.49
C GLN A 1269 1.68 -6.17 -13.84
N GLY A 1270 1.15 -6.81 -14.88
CA GLY A 1270 1.10 -6.27 -16.24
C GLY A 1270 2.47 -6.08 -16.85
N PHE A 1271 3.38 -7.01 -16.58
CA PHE A 1271 4.74 -6.98 -17.08
C PHE A 1271 4.75 -7.72 -18.41
N PRO A 1272 5.43 -7.19 -19.48
CA PRO A 1272 5.56 -7.98 -20.72
C PRO A 1272 6.27 -9.30 -20.42
N ASP A 1273 6.00 -10.36 -21.19
CA ASP A 1273 6.60 -11.68 -20.95
C ASP A 1273 8.12 -11.74 -21.18
N SER A 1274 8.62 -10.76 -21.93
CA SER A 1274 10.02 -10.57 -22.28
C SER A 1274 10.76 -9.87 -21.15
N TYR A 1275 10.05 -9.37 -20.13
CA TYR A 1275 10.69 -8.71 -19.00
C TYR A 1275 11.53 -9.70 -18.17
N ARG A 1276 12.73 -9.29 -17.71
CA ARG A 1276 13.61 -10.20 -16.99
C ARG A 1276 13.79 -9.96 -15.49
N PHE A 1277 13.89 -11.07 -14.76
CA PHE A 1277 14.08 -11.12 -13.32
C PHE A 1277 15.40 -11.84 -12.95
N PHE A 1278 15.89 -11.63 -11.72
CA PHE A 1278 17.19 -12.17 -11.33
C PHE A 1278 17.23 -12.74 -9.94
N GLY A 1279 18.04 -13.81 -9.76
CA GLY A 1279 18.26 -14.44 -8.47
C GLY A 1279 17.44 -15.69 -8.27
N ASN A 1280 17.37 -16.16 -7.02
CA ASN A 1280 16.60 -17.34 -6.70
C ASN A 1280 15.10 -17.08 -6.80
N ILE A 1281 14.27 -18.11 -6.66
CA ILE A 1281 12.82 -18.00 -6.79
C ILE A 1281 12.20 -16.89 -5.96
N LEU A 1282 12.59 -16.81 -4.67
CA LEU A 1282 12.07 -15.82 -3.77
C LEU A 1282 12.50 -14.43 -4.13
N ASP A 1283 13.76 -14.24 -4.54
CA ASP A 1283 14.29 -12.97 -5.03
C ASP A 1283 13.48 -12.50 -6.24
N ARG A 1284 13.08 -13.43 -7.11
CA ARG A 1284 12.28 -13.06 -8.27
C ARG A 1284 10.82 -12.70 -7.84
N HIS A 1285 10.30 -13.34 -6.79
CA HIS A 1285 8.96 -13.08 -6.30
C HIS A 1285 8.86 -11.67 -5.67
N ARG A 1286 9.91 -11.30 -4.92
CA ARG A 1286 10.03 -10.03 -4.18
C ARG A 1286 10.22 -8.90 -5.18
N GLN A 1287 10.99 -9.14 -6.24
CA GLN A 1287 11.22 -8.20 -7.32
C GLN A 1287 9.89 -7.79 -7.96
N VAL A 1288 9.20 -8.78 -8.55
CA VAL A 1288 7.88 -8.65 -9.18
C VAL A 1288 6.90 -7.87 -8.25
N GLY A 1289 6.69 -8.39 -7.05
CA GLY A 1289 5.79 -7.82 -6.03
C GLY A 1289 6.13 -6.44 -5.56
N ASN A 1290 7.43 -6.09 -5.48
CA ASN A 1290 7.81 -4.75 -5.05
C ASN A 1290 7.56 -3.68 -6.12
N ALA A 1291 7.48 -4.08 -7.40
CA ALA A 1291 7.30 -3.18 -8.52
C ALA A 1291 5.97 -2.45 -8.61
N VAL A 1292 6.03 -1.23 -9.18
CA VAL A 1292 4.90 -0.41 -9.56
C VAL A 1292 4.44 -1.15 -10.82
N PRO A 1293 3.13 -1.50 -11.03
CA PRO A 1293 2.76 -2.24 -12.25
C PRO A 1293 2.98 -1.41 -13.50
N PRO A 1294 3.75 -1.88 -14.52
CA PRO A 1294 3.93 -1.06 -15.74
C PRO A 1294 2.67 -0.38 -16.30
N PRO A 1295 1.43 -0.98 -16.34
CA PRO A 1295 0.25 -0.24 -16.85
C PRO A 1295 -0.14 1.00 -16.05
N LEU A 1296 0.16 1.03 -14.75
CA LEU A 1296 -0.15 2.18 -13.92
C LEU A 1296 0.87 3.25 -14.22
N ALA A 1297 2.12 2.87 -14.36
CA ALA A 1297 3.17 3.82 -14.74
C ALA A 1297 2.91 4.40 -16.17
N LYS A 1298 2.49 3.56 -17.16
CA LYS A 1298 2.19 4.07 -18.50
C LYS A 1298 1.15 5.20 -18.42
N ALA A 1299 0.01 4.94 -17.71
CA ALA A 1299 -1.10 5.86 -17.48
C ALA A 1299 -0.62 7.24 -16.94
N ILE A 1300 0.18 7.20 -15.84
CA ILE A 1300 0.77 8.40 -15.20
C ILE A 1300 1.67 9.08 -16.23
N GLY A 1301 2.51 8.27 -16.89
CA GLY A 1301 3.45 8.75 -17.90
C GLY A 1301 2.77 9.55 -18.99
N LEU A 1302 1.61 9.04 -19.51
CA LEU A 1302 0.82 9.72 -20.54
C LEU A 1302 0.23 11.06 -20.11
N GLU A 1303 0.11 11.32 -18.79
CA GLU A 1303 -0.37 12.61 -18.29
C GLU A 1303 0.77 13.59 -18.37
N ILE A 1304 1.99 13.06 -18.24
CA ILE A 1304 3.22 13.83 -18.36
C ILE A 1304 3.39 14.21 -19.86
N LYS A 1305 2.94 13.32 -20.79
CA LYS A 1305 2.96 13.48 -22.24
C LYS A 1305 2.28 14.75 -22.62
N LEU A 1306 1.04 14.94 -22.14
CA LEU A 1306 0.23 16.12 -22.40
C LEU A 1306 0.88 17.42 -21.89
N CYS A 1307 1.51 17.39 -20.71
CA CYS A 1307 2.22 18.54 -20.15
C CYS A 1307 3.37 18.93 -21.04
N LEU A 1308 4.11 17.93 -21.57
CA LEU A 1308 5.25 18.10 -22.46
C LEU A 1308 4.77 18.71 -23.78
N LEU A 1309 3.82 18.03 -24.47
CA LEU A 1309 3.24 18.48 -25.74
C LEU A 1309 2.71 19.89 -25.60
N SER A 1310 1.79 20.11 -24.64
CA SER A 1310 1.20 21.40 -24.32
C SER A 1310 2.26 22.48 -24.06
N SER A 1311 3.37 22.16 -23.35
CA SER A 1311 4.43 23.14 -23.06
C SER A 1311 5.36 23.37 -24.25
N ALA A 1312 5.48 22.38 -25.15
CA ALA A 1312 6.34 22.45 -26.34
C ALA A 1312 5.66 23.30 -27.41
N ARG A 1313 4.32 23.23 -27.50
CA ARG A 1313 3.55 24.01 -28.45
C ARG A 1313 3.32 25.45 -27.97
N GLU A 1314 3.38 25.65 -26.64
CA GLU A 1314 3.24 26.97 -26.03
C GLU A 1314 4.46 27.82 -26.34
N SER A 1315 5.66 27.20 -26.39
CA SER A 1315 6.89 27.91 -26.73
C SER A 1315 6.92 28.23 -28.23
N ALA A 1316 6.38 27.30 -29.06
CA ALA A 1316 6.30 27.42 -30.53
C ALA A 1316 5.32 28.53 -31.01
N SER A 1317 4.18 28.68 -30.31
CA SER A 1317 3.16 29.71 -30.58
C SER A 1317 3.57 31.06 -29.92
N ALA A 1318 4.78 31.08 -29.30
CA ALA A 1318 5.38 32.24 -28.64
C ALA A 1318 6.69 32.61 -29.37
N ALA A 1319 7.30 31.63 -30.07
CA ALA A 1319 8.51 31.86 -30.86
C ALA A 1319 8.11 32.74 -32.07
N VAL A 1320 6.85 32.55 -32.57
CA VAL A 1320 6.24 33.30 -33.67
C VAL A 1320 5.96 34.77 -33.26
N LYS A 1321 5.30 34.96 -32.08
CA LYS A 1321 4.97 36.26 -31.46
C LYS A 1321 6.28 37.01 -31.06
N ALA A 1322 7.45 36.36 -31.29
CA ALA A 1322 8.82 36.85 -31.04
C ALA A 1322 9.63 36.73 -32.33
ZN ZN B . 4.67 -37.84 38.85
ZN ZN C . -2.11 -7.39 30.86
ZN ZN D . -12.76 38.56 -9.02
ZN ZN E . -7.24 -22.17 23.23
#